data_4ODB
#
_entry.id   4ODB
#
_cell.length_a   156.770
_cell.length_b   156.770
_cell.length_c   96.540
_cell.angle_alpha   90.00
_cell.angle_beta   90.00
_cell.angle_gamma   120.00
#
_symmetry.space_group_name_H-M   'P 31 2 1'
#
loop_
_entity.id
_entity.type
_entity.pdbx_description
1 polymer 'Outer capsid protein sigma-1'
2 polymer 'Junctional adhesion molecule A'
#
loop_
_entity_poly.entity_id
_entity_poly.type
_entity_poly.pdbx_seq_one_letter_code
_entity_poly.pdbx_strand_id
1 'polypeptide(L)'
;MELPTYRYPLELDTANNRVQVADRFGMRTGTWTGQLQYQHPQLSWRANVTLNLMKVDDWLVLSFSQMTTNSIMADGKFVI
NFVSGLSSGWQTGDTEPSSTIDPLSTTFAAVQFLNNGQRIDAFRIMGVSEWTDGELEIKNYGGTYTGHTQVYWAPWTIMY
PCNVR
;
A,B,C
2 'polypeptide(L)'
;GSSVTVHSSEPEVRIPENNPVKLSCAYSGFSSPRVEWKFDQGDTTRLVCYNNKITASYEDRVTFLPTGITFKSVTREDTG
TYTCMVSEEGGNSYGEVKVKLIVL
;
D,E,F
#
# COMPACT_ATOMS: atom_id res chain seq x y z
N LEU A 3 -8.47 -9.48 -32.10
CA LEU A 3 -7.56 -8.96 -31.09
C LEU A 3 -8.26 -8.04 -30.08
N PRO A 4 -7.93 -8.10 -28.76
CA PRO A 4 -8.57 -7.21 -27.82
C PRO A 4 -7.73 -5.96 -27.56
N THR A 5 -8.42 -4.91 -27.09
CA THR A 5 -7.84 -3.64 -26.72
C THR A 5 -7.31 -3.85 -25.28
N TYR A 6 -6.71 -2.81 -24.70
CA TYR A 6 -6.26 -2.79 -23.33
C TYR A 6 -6.69 -1.50 -22.66
N ARG A 7 -7.07 -1.56 -21.37
CA ARG A 7 -7.51 -0.41 -20.57
C ARG A 7 -6.47 -0.15 -19.50
N TYR A 8 -6.22 1.12 -19.17
CA TYR A 8 -5.26 1.52 -18.13
C TYR A 8 -5.54 0.70 -16.83
N PRO A 9 -4.51 0.20 -16.11
CA PRO A 9 -3.06 0.38 -16.30
C PRO A 9 -2.42 -0.47 -17.39
N LEU A 10 -3.22 -1.40 -17.97
CA LEU A 10 -2.81 -2.27 -19.04
C LEU A 10 -2.63 -1.46 -20.30
N GLU A 11 -1.45 -1.62 -20.90
CA GLU A 11 -1.03 -0.93 -22.10
C GLU A 11 -0.53 -1.94 -23.12
N LEU A 12 -0.72 -1.62 -24.41
CA LEU A 12 -0.14 -2.43 -25.49
C LEU A 12 0.92 -1.58 -26.15
N ASP A 13 2.18 -2.07 -26.12
CA ASP A 13 3.29 -1.41 -26.77
C ASP A 13 3.33 -1.93 -28.19
N THR A 14 3.17 -1.01 -29.13
CA THR A 14 3.14 -1.27 -30.55
C THR A 14 4.47 -1.74 -31.08
N ALA A 15 5.58 -0.93 -30.87
CA ALA A 15 6.94 -1.20 -31.31
C ALA A 15 7.43 -2.57 -30.88
N ASN A 16 6.74 -3.20 -29.89
CA ASN A 16 7.21 -4.45 -29.31
C ASN A 16 6.32 -5.66 -29.29
N ASN A 17 4.98 -5.48 -29.28
CA ASN A 17 3.98 -6.56 -29.10
C ASN A 17 3.97 -6.92 -27.60
N ARG A 18 4.39 -5.91 -26.82
CA ARG A 18 4.51 -5.80 -25.38
C ARG A 18 3.17 -5.50 -24.75
N VAL A 19 2.66 -6.40 -23.98
CA VAL A 19 1.43 -6.10 -23.26
C VAL A 19 1.92 -5.98 -21.82
N GLN A 20 1.87 -4.77 -21.22
CA GLN A 20 2.39 -4.57 -19.85
C GLN A 20 1.45 -3.79 -18.92
N VAL A 21 1.96 -3.40 -17.76
CA VAL A 21 1.22 -2.58 -16.81
C VAL A 21 1.96 -1.25 -16.76
N ALA A 22 1.22 -0.16 -16.99
CA ALA A 22 1.76 1.19 -17.03
C ALA A 22 2.73 1.51 -15.89
N ASP A 23 3.83 2.17 -16.22
CA ASP A 23 4.81 2.55 -15.21
C ASP A 23 4.28 3.68 -14.29
N ARG A 24 3.36 4.50 -14.84
CA ARG A 24 2.70 5.58 -14.10
C ARG A 24 1.61 5.05 -13.15
N PHE A 25 1.28 3.73 -13.23
CA PHE A 25 0.28 3.15 -12.33
C PHE A 25 0.74 3.21 -10.89
N GLY A 26 2.03 2.97 -10.68
CA GLY A 26 2.65 3.03 -9.37
C GLY A 26 3.08 4.42 -8.98
N MET A 27 2.82 5.44 -9.85
CA MET A 27 3.18 6.85 -9.56
C MET A 27 2.52 7.90 -10.45
N ARG A 28 1.59 8.69 -9.87
CA ARG A 28 0.91 9.79 -10.53
C ARG A 28 0.78 11.00 -9.59
N THR A 29 1.70 11.96 -9.77
CA THR A 29 1.80 13.18 -8.98
C THR A 29 0.67 14.20 -9.20
N GLY A 30 0.39 14.99 -8.16
CA GLY A 30 -0.59 16.07 -8.14
C GLY A 30 -0.39 16.94 -6.93
N THR A 31 -1.12 18.09 -6.85
CA THR A 31 -1.07 19.02 -5.71
C THR A 31 -2.40 19.78 -5.49
N TRP A 32 -2.96 19.63 -4.30
CA TRP A 32 -4.14 20.39 -3.90
C TRP A 32 -3.64 21.61 -3.12
N THR A 33 -4.11 22.78 -3.53
CA THR A 33 -3.74 24.07 -2.97
C THR A 33 -5.05 24.69 -2.52
N GLY A 34 -5.25 24.74 -1.22
CA GLY A 34 -6.46 25.30 -0.67
C GLY A 34 -6.40 25.62 0.80
N GLN A 35 -7.57 25.56 1.44
CA GLN A 35 -7.70 25.85 2.86
C GLN A 35 -8.05 24.63 3.65
N LEU A 36 -7.15 24.29 4.58
CA LEU A 36 -7.32 23.17 5.47
C LEU A 36 -8.33 23.62 6.53
N GLN A 37 -9.54 23.02 6.53
CA GLN A 37 -10.59 23.38 7.47
C GLN A 37 -10.52 22.53 8.72
N TYR A 38 -10.34 23.18 9.87
CA TYR A 38 -10.35 22.45 11.12
C TYR A 38 -11.73 22.66 11.66
N GLN A 39 -12.43 21.56 11.99
CA GLN A 39 -13.78 21.62 12.50
C GLN A 39 -13.98 20.93 13.82
N HIS A 40 -14.64 21.65 14.76
CA HIS A 40 -15.05 21.24 16.12
C HIS A 40 -16.17 22.20 16.52
N PRO A 41 -17.20 21.75 17.28
CA PRO A 41 -18.29 22.67 17.65
C PRO A 41 -17.95 23.92 18.41
N GLN A 42 -16.85 23.95 19.10
CA GLN A 42 -16.51 25.11 19.89
C GLN A 42 -15.37 25.90 19.32
N LEU A 43 -14.82 25.39 18.22
CA LEU A 43 -13.70 26.03 17.54
C LEU A 43 -13.58 25.50 16.14
N SER A 44 -13.37 26.41 15.20
CA SER A 44 -13.16 26.11 13.78
C SER A 44 -12.35 27.23 13.16
N TRP A 45 -11.36 26.82 12.37
CA TRP A 45 -10.43 27.73 11.72
C TRP A 45 -10.00 27.16 10.41
N ARG A 46 -9.40 27.99 9.55
CA ARG A 46 -8.90 27.51 8.28
C ARG A 46 -7.54 28.04 7.92
N ALA A 47 -6.64 27.13 7.49
CA ALA A 47 -5.25 27.43 7.18
C ALA A 47 -4.89 27.12 5.76
N ASN A 48 -4.19 28.07 5.12
CA ASN A 48 -3.78 27.93 3.73
C ASN A 48 -2.68 26.92 3.66
N VAL A 49 -2.96 25.78 3.03
CA VAL A 49 -1.98 24.71 2.89
C VAL A 49 -1.88 24.31 1.45
N THR A 50 -0.75 23.72 1.09
CA THR A 50 -0.59 23.18 -0.24
C THR A 50 0.05 21.82 -0.14
N LEU A 51 -0.77 20.77 -0.20
CA LEU A 51 -0.30 19.39 -0.07
C LEU A 51 -0.03 18.68 -1.40
N ASN A 52 0.89 17.69 -1.40
CA ASN A 52 1.23 16.88 -2.58
C ASN A 52 0.40 15.64 -2.58
N LEU A 53 0.14 15.10 -3.75
CA LEU A 53 -0.68 13.91 -3.91
C LEU A 53 0.03 12.90 -4.77
N MET A 54 -0.14 11.62 -4.44
CA MET A 54 0.44 10.54 -5.23
C MET A 54 -0.48 9.39 -5.34
N LYS A 55 -0.72 9.00 -6.59
CA LYS A 55 -1.52 7.84 -6.92
C LYS A 55 -0.49 6.73 -7.04
N VAL A 56 -0.58 5.73 -6.15
CA VAL A 56 0.33 4.56 -6.10
C VAL A 56 -0.57 3.35 -6.18
N ASP A 57 -0.63 2.73 -7.35
CA ASP A 57 -1.50 1.59 -7.58
C ASP A 57 -2.94 1.95 -7.25
N ASP A 58 -3.58 1.23 -6.32
CA ASP A 58 -4.94 1.55 -5.93
C ASP A 58 -5.03 2.30 -4.58
N TRP A 59 -4.03 3.17 -4.35
CA TRP A 59 -3.85 4.00 -3.17
C TRP A 59 -3.68 5.47 -3.53
N LEU A 60 -4.18 6.34 -2.64
CA LEU A 60 -3.99 7.77 -2.78
C LEU A 60 -3.31 8.28 -1.52
N VAL A 61 -2.09 8.75 -1.67
CA VAL A 61 -1.23 9.27 -0.62
C VAL A 61 -1.30 10.81 -0.62
N LEU A 62 -1.42 11.39 0.58
CA LEU A 62 -1.40 12.84 0.79
C LEU A 62 -0.15 13.13 1.60
N SER A 63 0.72 14.00 1.09
CA SER A 63 1.96 14.34 1.78
C SER A 63 1.90 15.77 2.35
N PHE A 64 1.69 15.82 3.66
CA PHE A 64 1.63 17.05 4.41
C PHE A 64 3.02 17.55 4.74
N SER A 65 3.20 18.86 4.57
CA SER A 65 4.45 19.54 4.86
C SER A 65 4.33 20.09 6.25
N GLN A 66 5.44 20.48 6.86
CA GLN A 66 5.37 21.02 8.21
C GLN A 66 4.58 22.30 8.24
N MET A 67 3.77 22.51 9.27
CA MET A 67 2.91 23.70 9.35
C MET A 67 2.69 24.16 10.77
N THR A 68 2.38 25.45 10.94
CA THR A 68 2.04 26.03 12.24
C THR A 68 0.61 26.53 12.17
N THR A 69 -0.25 26.03 13.06
CA THR A 69 -1.67 26.38 13.02
C THR A 69 -2.14 27.01 14.30
N ASN A 70 -3.43 27.42 14.34
CA ASN A 70 -3.99 27.92 15.59
C ASN A 70 -4.21 26.75 16.56
N SER A 71 -4.64 27.06 17.78
CA SER A 71 -4.99 26.08 18.79
C SER A 71 -6.08 25.12 18.25
N ILE A 72 -6.03 23.87 18.71
CA ILE A 72 -6.95 22.79 18.39
C ILE A 72 -7.49 22.20 19.67
N MET A 73 -8.73 21.69 19.61
CA MET A 73 -9.39 21.04 20.75
C MET A 73 -8.84 19.61 20.86
N ALA A 74 -9.16 18.91 21.97
CA ALA A 74 -8.73 17.53 22.22
C ALA A 74 -9.04 16.58 21.05
N ASP A 75 -10.22 16.74 20.39
CA ASP A 75 -10.67 16.08 19.15
C ASP A 75 -10.50 17.06 17.94
N GLY A 76 -11.54 17.02 17.12
CA GLY A 76 -11.71 17.78 15.90
C GLY A 76 -11.54 16.91 14.67
N LYS A 77 -11.91 17.49 13.54
CA LYS A 77 -11.77 16.92 12.23
C LYS A 77 -11.16 17.92 11.25
N PHE A 78 -10.56 17.40 10.19
CA PHE A 78 -9.90 18.19 9.18
C PHE A 78 -10.61 17.94 7.91
N VAL A 79 -11.06 19.03 7.26
CA VAL A 79 -11.77 18.93 5.99
C VAL A 79 -10.89 19.44 4.85
N ILE A 80 -10.88 18.66 3.75
CA ILE A 80 -10.18 19.02 2.53
C ILE A 80 -11.20 19.06 1.38
N ASN A 81 -11.48 20.24 0.86
CA ASN A 81 -12.43 20.43 -0.22
C ASN A 81 -11.74 20.30 -1.59
N PHE A 82 -11.75 19.07 -2.16
CA PHE A 82 -11.11 18.79 -3.44
C PHE A 82 -11.83 19.41 -4.66
N VAL A 83 -13.08 19.87 -4.46
CA VAL A 83 -13.94 20.52 -5.49
C VAL A 83 -13.17 21.58 -6.26
N SER A 84 -12.28 22.28 -5.56
CA SER A 84 -11.41 23.29 -6.17
C SER A 84 -10.02 23.16 -5.55
N GLY A 85 -8.99 23.47 -6.33
CA GLY A 85 -7.62 23.50 -5.82
C GLY A 85 -6.67 22.47 -6.37
N LEU A 86 -7.22 21.42 -7.00
CA LEU A 86 -6.39 20.36 -7.54
C LEU A 86 -5.53 20.83 -8.72
N SER A 87 -4.44 20.08 -8.99
CA SER A 87 -3.47 20.25 -10.07
C SER A 87 -4.16 20.18 -11.44
N SER A 88 -3.39 20.49 -12.49
CA SER A 88 -3.80 20.43 -13.88
C SER A 88 -4.00 18.97 -14.27
N GLY A 89 -5.16 18.65 -14.82
CA GLY A 89 -5.50 17.30 -15.25
C GLY A 89 -6.03 16.38 -14.17
N TRP A 90 -6.21 16.93 -12.96
CA TRP A 90 -6.74 16.21 -11.81
C TRP A 90 -8.21 16.52 -11.61
N GLN A 91 -9.03 15.50 -11.52
CA GLN A 91 -10.47 15.64 -11.28
C GLN A 91 -10.79 15.43 -9.80
N THR A 92 -11.84 16.10 -9.28
CA THR A 92 -12.30 15.95 -7.89
C THR A 92 -12.65 14.47 -7.62
N GLY A 93 -13.10 13.78 -8.67
CA GLY A 93 -13.42 12.36 -8.60
C GLY A 93 -12.18 11.49 -8.45
N ASP A 94 -10.99 12.03 -8.82
CA ASP A 94 -9.68 11.34 -8.69
C ASP A 94 -9.30 11.13 -7.19
N THR A 95 -10.00 11.80 -6.26
CA THR A 95 -9.77 11.70 -4.82
C THR A 95 -10.82 10.85 -4.11
N GLU A 96 -11.71 10.16 -4.85
CA GLU A 96 -12.74 9.37 -4.20
C GLU A 96 -12.20 8.03 -3.65
N PRO A 97 -12.44 7.73 -2.36
CA PRO A 97 -12.01 6.44 -1.81
C PRO A 97 -12.79 5.27 -2.39
N SER A 98 -12.15 4.09 -2.45
CA SER A 98 -12.81 2.89 -2.97
C SER A 98 -13.83 2.22 -2.01
N SER A 99 -13.96 2.74 -0.77
CA SER A 99 -14.91 2.22 0.21
C SER A 99 -15.50 3.27 1.15
N THR A 100 -16.51 2.89 1.93
CA THR A 100 -17.14 3.78 2.90
C THR A 100 -16.70 3.45 4.35
N ILE A 101 -15.88 2.37 4.52
CA ILE A 101 -15.36 1.88 5.80
C ILE A 101 -14.63 3.01 6.56
N ASP A 102 -14.97 3.15 7.87
CA ASP A 102 -14.40 4.19 8.72
C ASP A 102 -13.71 3.57 9.95
N PRO A 103 -12.38 3.75 10.14
CA PRO A 103 -11.46 4.51 9.29
C PRO A 103 -10.98 3.71 8.11
N LEU A 104 -10.67 4.40 6.99
CA LEU A 104 -10.08 3.71 5.85
C LEU A 104 -8.64 3.43 6.23
N SER A 105 -8.03 4.39 6.92
CA SER A 105 -6.68 4.30 7.44
C SER A 105 -6.47 5.31 8.58
N THR A 106 -5.50 4.98 9.46
CA THR A 106 -5.12 5.85 10.56
C THR A 106 -3.60 5.97 10.59
N THR A 107 -3.11 7.20 10.85
CA THR A 107 -1.71 7.51 11.05
C THR A 107 -1.52 8.48 12.20
N PHE A 108 -0.31 8.47 12.75
CA PHE A 108 -0.02 9.42 13.80
C PHE A 108 0.72 10.61 13.18
N ALA A 109 0.45 11.79 13.73
CA ALA A 109 1.02 13.05 13.34
C ALA A 109 1.84 13.52 14.53
N ALA A 110 3.10 13.94 14.31
CA ALA A 110 3.94 14.43 15.42
C ALA A 110 3.72 15.92 15.52
N VAL A 111 3.40 16.40 16.70
CA VAL A 111 3.04 17.78 16.93
C VAL A 111 3.77 18.42 18.14
N GLN A 112 3.82 19.76 18.18
CA GLN A 112 4.40 20.52 19.30
C GLN A 112 3.37 21.51 19.77
N PHE A 113 2.92 21.40 21.01
CA PHE A 113 1.91 22.32 21.54
C PHE A 113 2.57 23.57 22.06
N LEU A 114 2.62 24.57 21.23
CA LEU A 114 3.26 25.85 21.55
C LEU A 114 2.34 26.59 22.54
N ASN A 115 2.75 26.60 23.82
CA ASN A 115 1.96 27.26 24.87
C ASN A 115 2.57 28.63 25.17
N ASN A 116 3.46 28.73 26.19
CA ASN A 116 4.08 30.02 26.51
C ASN A 116 5.30 30.22 25.61
N GLY A 117 6.46 29.85 26.10
CA GLY A 117 7.66 29.88 25.29
C GLY A 117 8.02 28.44 25.00
N GLN A 118 7.25 27.55 25.67
CA GLN A 118 7.35 26.08 25.67
C GLN A 118 6.90 25.47 24.38
N ARG A 119 7.62 24.45 23.94
CA ARG A 119 7.31 23.63 22.76
C ARG A 119 7.20 22.21 23.30
N ILE A 120 5.96 21.85 23.69
CA ILE A 120 5.59 20.56 24.27
C ILE A 120 5.37 19.53 23.15
N ASP A 121 6.17 18.45 23.12
CA ASP A 121 6.00 17.39 22.11
C ASP A 121 4.79 16.51 22.46
N ALA A 122 4.00 16.13 21.45
CA ALA A 122 2.80 15.29 21.54
C ALA A 122 2.51 14.58 20.21
N PHE A 123 1.48 13.75 20.21
CA PHE A 123 1.07 13.06 18.99
C PHE A 123 -0.43 13.32 18.74
N ARG A 124 -0.85 13.09 17.52
CA ARG A 124 -2.23 13.25 17.12
C ARG A 124 -2.65 12.08 16.24
N ILE A 125 -3.73 11.37 16.57
CA ILE A 125 -4.12 10.24 15.72
C ILE A 125 -5.01 10.76 14.58
N MET A 126 -4.63 10.49 13.32
CA MET A 126 -5.39 10.97 12.18
C MET A 126 -6.00 9.79 11.49
N GLY A 127 -7.33 9.80 11.38
CA GLY A 127 -8.04 8.72 10.70
C GLY A 127 -8.85 9.25 9.54
N VAL A 128 -8.66 8.67 8.31
CA VAL A 128 -9.42 9.04 7.10
C VAL A 128 -10.83 8.50 7.32
N SER A 129 -11.78 9.40 7.55
CA SER A 129 -13.16 9.08 7.85
C SER A 129 -14.15 8.97 6.66
N GLU A 130 -14.54 10.12 6.06
CA GLU A 130 -15.52 10.20 4.96
C GLU A 130 -15.00 10.96 3.74
N TRP A 131 -15.79 10.93 2.66
CA TRP A 131 -15.58 11.68 1.41
C TRP A 131 -16.98 11.94 0.89
N THR A 132 -17.37 13.23 0.87
CA THR A 132 -18.72 13.60 0.50
C THR A 132 -18.70 14.68 -0.57
N ASP A 133 -19.00 14.27 -1.81
CA ASP A 133 -19.07 15.14 -2.98
C ASP A 133 -17.82 16.05 -3.09
N GLY A 134 -16.65 15.42 -2.95
CA GLY A 134 -15.35 16.07 -3.04
C GLY A 134 -14.73 16.52 -1.73
N GLU A 135 -15.46 16.37 -0.60
CA GLU A 135 -14.95 16.78 0.70
C GLU A 135 -14.44 15.63 1.53
N LEU A 136 -13.09 15.51 1.61
CA LEU A 136 -12.38 14.52 2.41
C LEU A 136 -12.40 14.94 3.90
N GLU A 137 -12.74 13.97 4.76
CA GLU A 137 -12.87 14.19 6.20
C GLU A 137 -11.86 13.34 7.01
N ILE A 138 -10.90 14.00 7.69
CA ILE A 138 -9.89 13.34 8.49
C ILE A 138 -10.15 13.67 9.96
N LYS A 139 -10.54 12.65 10.71
CA LYS A 139 -10.79 12.79 12.14
C LYS A 139 -9.52 12.66 12.97
N ASN A 140 -9.38 13.59 13.92
CA ASN A 140 -8.32 13.59 14.93
C ASN A 140 -9.06 13.15 16.17
N TYR A 141 -9.00 11.85 16.37
CA TYR A 141 -9.69 11.20 17.46
C TYR A 141 -9.16 11.74 18.78
N GLY A 142 -7.90 12.18 18.74
CA GLY A 142 -7.16 12.76 19.85
C GLY A 142 -5.69 12.41 19.88
N GLY A 143 -5.25 12.01 21.06
CA GLY A 143 -3.87 11.68 21.39
C GLY A 143 -3.52 12.49 22.63
N THR A 144 -2.20 12.64 22.94
CA THR A 144 -1.74 13.45 24.10
C THR A 144 -2.05 14.93 23.87
N TYR A 145 -2.39 15.62 24.95
CA TYR A 145 -2.81 17.00 24.80
C TYR A 145 -2.56 17.79 26.08
N THR A 146 -2.27 19.09 25.86
CA THR A 146 -2.13 20.17 26.84
C THR A 146 -2.65 21.49 26.24
N GLY A 147 -2.97 22.43 27.12
CA GLY A 147 -3.40 23.78 26.79
C GLY A 147 -2.26 24.43 26.04
N HIS A 148 -2.60 25.15 24.97
CA HIS A 148 -1.64 25.80 24.09
C HIS A 148 -2.34 26.91 23.36
N THR A 149 -1.54 27.74 22.66
CA THR A 149 -2.04 28.85 21.86
C THR A 149 -1.77 28.60 20.38
N GLN A 150 -0.92 27.62 20.07
CA GLN A 150 -0.58 27.31 18.70
C GLN A 150 -0.11 25.89 18.57
N VAL A 151 0.03 25.39 17.33
CA VAL A 151 0.37 23.98 17.08
C VAL A 151 1.36 23.90 15.94
N TYR A 152 2.51 23.31 16.21
CA TYR A 152 3.45 23.08 15.13
C TYR A 152 3.32 21.60 14.77
N TRP A 153 3.05 21.33 13.50
CA TRP A 153 2.90 19.97 12.96
C TRP A 153 4.13 19.60 12.15
N ALA A 154 4.74 18.45 12.44
CA ALA A 154 5.87 17.96 11.67
C ALA A 154 5.29 17.38 10.41
N PRO A 155 6.06 17.15 9.33
CA PRO A 155 5.47 16.54 8.12
C PRO A 155 4.80 15.20 8.40
N TRP A 156 3.81 14.85 7.59
CA TRP A 156 3.13 13.59 7.76
C TRP A 156 2.46 13.11 6.49
N THR A 157 2.13 11.82 6.47
CA THR A 157 1.52 11.15 5.34
C THR A 157 0.28 10.37 5.76
N ILE A 158 -0.78 10.40 4.94
CA ILE A 158 -1.96 9.53 5.09
C ILE A 158 -2.27 9.06 3.71
N MET A 159 -2.69 7.80 3.63
CA MET A 159 -3.13 7.24 2.37
C MET A 159 -4.41 6.47 2.60
N TYR A 160 -5.18 6.25 1.54
CA TYR A 160 -6.41 5.49 1.63
C TYR A 160 -6.67 4.83 0.31
N PRO A 161 -7.43 3.73 0.26
CA PRO A 161 -7.66 3.07 -1.02
C PRO A 161 -8.52 3.94 -1.95
N CYS A 162 -8.22 3.86 -3.26
CA CYS A 162 -8.85 4.67 -4.32
C CYS A 162 -8.74 3.97 -5.68
N ASN A 163 -9.61 4.30 -6.65
CA ASN A 163 -9.49 3.75 -8.02
C ASN A 163 -9.52 4.76 -9.26
N VAL A 164 -8.65 4.35 -10.21
CA VAL A 164 -8.27 4.84 -11.54
C VAL A 164 -7.67 3.60 -12.29
N LEU B 3 -7.22 -18.59 -28.05
CA LEU B 3 -6.87 -17.30 -27.45
C LEU B 3 -6.75 -17.41 -25.95
N PRO B 4 -5.92 -16.58 -25.27
CA PRO B 4 -5.83 -16.74 -23.82
C PRO B 4 -7.08 -16.38 -23.08
N THR B 5 -7.33 -17.19 -22.04
CA THR B 5 -8.32 -16.92 -21.04
C THR B 5 -7.54 -15.96 -20.15
N TYR B 6 -8.20 -15.36 -19.17
CA TYR B 6 -7.45 -14.49 -18.30
C TYR B 6 -7.62 -15.00 -16.85
N ARG B 7 -6.90 -14.44 -15.90
CA ARG B 7 -7.03 -14.90 -14.51
C ARG B 7 -7.16 -13.67 -13.64
N TYR B 8 -8.06 -13.72 -12.63
CA TYR B 8 -8.22 -12.60 -11.70
C TYR B 8 -6.84 -12.15 -11.15
N PRO B 9 -6.48 -10.84 -11.15
CA PRO B 9 -7.26 -9.63 -11.44
C PRO B 9 -7.54 -9.31 -12.91
N LEU B 10 -6.73 -9.84 -13.87
CA LEU B 10 -6.88 -9.63 -15.32
C LEU B 10 -8.18 -10.19 -15.84
N GLU B 11 -9.07 -9.31 -16.33
CA GLU B 11 -10.41 -9.68 -16.83
C GLU B 11 -10.53 -9.49 -18.36
N LEU B 12 -11.70 -9.90 -18.92
CA LEU B 12 -12.04 -9.78 -20.34
C LEU B 12 -13.50 -9.37 -20.49
N ASP B 13 -13.67 -8.18 -21.06
CA ASP B 13 -14.98 -7.63 -21.35
C ASP B 13 -15.35 -8.06 -22.74
N THR B 14 -16.47 -8.78 -22.80
CA THR B 14 -17.02 -9.35 -24.01
C THR B 14 -17.50 -8.29 -24.96
N ALA B 15 -18.50 -7.49 -24.54
CA ALA B 15 -19.03 -6.41 -25.37
C ALA B 15 -18.06 -5.28 -25.76
N ASN B 16 -16.74 -5.41 -25.46
CA ASN B 16 -15.88 -4.28 -25.81
C ASN B 16 -14.48 -4.60 -26.32
N ASN B 17 -14.07 -5.90 -26.16
CA ASN B 17 -12.71 -6.39 -26.53
C ASN B 17 -11.78 -5.60 -25.65
N ARG B 18 -12.09 -5.70 -24.33
CA ARG B 18 -11.50 -4.94 -23.27
C ARG B 18 -10.23 -5.40 -22.67
N VAL B 19 -10.27 -6.47 -21.84
CA VAL B 19 -9.11 -6.98 -21.11
C VAL B 19 -8.53 -5.86 -20.20
N GLN B 20 -9.16 -5.68 -19.02
CA GLN B 20 -8.77 -4.66 -18.03
C GLN B 20 -8.56 -5.29 -16.67
N VAL B 21 -7.77 -4.59 -15.80
CA VAL B 21 -7.55 -5.05 -14.41
C VAL B 21 -8.84 -4.75 -13.65
N ALA B 22 -9.46 -5.81 -13.08
CA ALA B 22 -10.71 -5.67 -12.35
C ALA B 22 -10.68 -4.50 -11.39
N ASP B 23 -11.83 -3.87 -11.27
CA ASP B 23 -11.99 -2.71 -10.40
C ASP B 23 -12.02 -3.17 -8.95
N ARG B 24 -12.48 -4.43 -8.70
CA ARG B 24 -12.54 -5.02 -7.37
C ARG B 24 -11.16 -5.44 -6.85
N PHE B 25 -10.13 -5.40 -7.70
CA PHE B 25 -8.77 -5.77 -7.27
C PHE B 25 -8.26 -4.80 -6.20
N GLY B 26 -8.58 -3.52 -6.40
CA GLY B 26 -8.24 -2.45 -5.49
C GLY B 26 -9.22 -2.27 -4.35
N MET B 27 -10.27 -3.12 -4.29
CA MET B 27 -11.28 -3.09 -3.24
C MET B 27 -12.20 -4.31 -3.11
N ARG B 28 -12.00 -5.08 -2.02
CA ARG B 28 -12.82 -6.25 -1.69
C ARG B 28 -13.11 -6.32 -0.20
N THR B 29 -14.30 -5.86 0.16
CA THR B 29 -14.81 -5.77 1.51
C THR B 29 -15.14 -7.12 2.15
N GLY B 30 -15.03 -7.16 3.47
CA GLY B 30 -15.33 -8.30 4.32
C GLY B 30 -15.39 -7.88 5.77
N THR B 31 -15.83 -8.78 6.66
CA THR B 31 -15.91 -8.52 8.10
C THR B 31 -15.71 -9.78 8.96
N TRP B 32 -14.72 -9.74 9.85
CA TRP B 32 -14.53 -10.80 10.80
C TRP B 32 -15.23 -10.38 12.09
N THR B 33 -16.07 -11.26 12.60
CA THR B 33 -16.88 -11.04 13.80
C THR B 33 -16.49 -12.16 14.75
N GLY B 34 -15.74 -11.81 15.79
CA GLY B 34 -15.29 -12.79 16.74
C GLY B 34 -14.77 -12.22 18.04
N GLN B 35 -13.85 -12.95 18.66
CA GLN B 35 -13.27 -12.56 19.92
C GLN B 35 -11.80 -12.22 19.79
N LEU B 36 -11.49 -10.96 20.12
CA LEU B 36 -10.14 -10.45 20.09
C LEU B 36 -9.43 -10.99 21.34
N GLN B 37 -8.44 -11.87 21.14
CA GLN B 37 -7.72 -12.51 22.25
C GLN B 37 -6.50 -11.71 22.67
N TYR B 38 -6.46 -11.25 23.93
CA TYR B 38 -5.29 -10.58 24.42
C TYR B 38 -4.52 -11.63 25.20
N GLN B 39 -3.25 -11.82 24.88
CA GLN B 39 -2.44 -12.83 25.54
C GLN B 39 -1.15 -12.30 26.13
N HIS B 40 -0.90 -12.66 27.40
CA HIS B 40 0.26 -12.37 28.24
C HIS B 40 0.27 -13.43 29.36
N PRO B 41 1.44 -13.90 29.84
CA PRO B 41 1.43 -14.92 30.90
C PRO B 41 0.77 -14.60 32.21
N GLN B 42 0.62 -13.34 32.55
CA GLN B 42 0.02 -13.02 33.82
C GLN B 42 -1.35 -12.44 33.71
N LEU B 43 -1.78 -12.28 32.46
CA LEU B 43 -3.10 -11.73 32.17
C LEU B 43 -3.48 -12.05 30.72
N SER B 44 -4.72 -12.49 30.56
CA SER B 44 -5.32 -12.81 29.28
C SER B 44 -6.80 -12.62 29.38
N TRP B 45 -7.36 -12.04 28.32
CA TRP B 45 -8.78 -11.76 28.23
C TRP B 45 -9.24 -11.80 26.80
N ARG B 46 -10.55 -11.85 26.58
CA ARG B 46 -11.07 -11.82 25.22
C ARG B 46 -12.28 -10.96 25.06
N ALA B 47 -12.26 -10.11 24.01
CA ALA B 47 -13.28 -9.10 23.76
C ALA B 47 -13.97 -9.26 22.44
N ASN B 48 -15.32 -9.14 22.48
CA ASN B 48 -16.13 -9.31 21.29
C ASN B 48 -15.94 -8.13 20.40
N VAL B 49 -15.30 -8.34 19.26
CA VAL B 49 -15.06 -7.27 18.31
C VAL B 49 -15.59 -7.67 16.95
N THR B 50 -15.88 -6.68 16.14
CA THR B 50 -16.28 -6.94 14.77
C THR B 50 -15.54 -5.98 13.89
N LEU B 51 -14.43 -6.45 13.30
CA LEU B 51 -13.58 -5.62 12.44
C LEU B 51 -13.90 -5.75 10.94
N ASN B 52 -13.63 -4.69 10.17
CA ASN B 52 -13.84 -4.64 8.73
C ASN B 52 -12.56 -5.01 8.07
N LEU B 53 -12.66 -5.60 6.87
CA LEU B 53 -11.52 -6.05 6.10
C LEU B 53 -11.59 -5.50 4.71
N MET B 54 -10.44 -5.14 4.16
CA MET B 54 -10.35 -4.65 2.80
C MET B 54 -9.15 -5.20 2.10
N LYS B 55 -9.41 -5.82 0.95
CA LYS B 55 -8.39 -6.35 0.09
C LYS B 55 -8.15 -5.20 -0.86
N VAL B 56 -6.93 -4.63 -0.84
CA VAL B 56 -6.51 -3.52 -1.70
C VAL B 56 -5.26 -3.99 -2.41
N ASP B 57 -5.39 -4.37 -3.69
CA ASP B 57 -4.32 -4.92 -4.49
C ASP B 57 -3.72 -6.12 -3.75
N ASP B 58 -2.41 -6.08 -3.43
CA ASP B 58 -1.80 -7.20 -2.70
C ASP B 58 -1.58 -6.92 -1.21
N TRP B 59 -2.57 -6.18 -0.61
CA TRP B 59 -2.63 -5.77 0.78
C TRP B 59 -3.93 -6.19 1.43
N LEU B 60 -3.86 -6.52 2.74
CA LEU B 60 -5.04 -6.82 3.54
C LEU B 60 -5.09 -5.86 4.71
N VAL B 61 -6.13 -5.03 4.72
CA VAL B 61 -6.31 -3.98 5.71
C VAL B 61 -7.36 -4.39 6.72
N LEU B 62 -7.07 -4.15 7.99
CA LEU B 62 -7.98 -4.43 9.09
C LEU B 62 -8.36 -3.07 9.70
N SER B 63 -9.65 -2.76 9.74
CA SER B 63 -10.11 -1.49 10.30
C SER B 63 -10.80 -1.70 11.64
N PHE B 64 -10.05 -1.38 12.72
CA PHE B 64 -10.54 -1.47 14.08
C PHE B 64 -11.39 -0.26 14.44
N SER B 65 -12.51 -0.51 15.09
CA SER B 65 -13.41 0.53 15.55
C SER B 65 -13.05 0.84 17.00
N GLN B 66 -13.55 1.97 17.53
CA GLN B 66 -13.20 2.31 18.91
C GLN B 66 -13.73 1.28 19.86
N MET B 67 -12.96 0.92 20.89
CA MET B 67 -13.35 -0.12 21.85
C MET B 67 -12.83 0.15 23.23
N THR B 68 -13.52 -0.40 24.24
CA THR B 68 -13.09 -0.34 25.65
C THR B 68 -12.79 -1.77 26.11
N THR B 69 -11.60 -2.01 26.60
CA THR B 69 -11.20 -3.35 27.02
C THR B 69 -10.75 -3.38 28.47
N ASN B 70 -10.41 -4.53 28.96
CA ASN B 70 -9.84 -4.67 30.30
C ASN B 70 -8.40 -4.15 30.29
N SER B 71 -7.80 -4.13 31.50
CA SER B 71 -6.40 -3.75 31.65
C SER B 71 -5.50 -4.63 30.79
N ILE B 72 -4.38 -4.07 30.32
CA ILE B 72 -3.34 -4.74 29.54
C ILE B 72 -1.99 -4.54 30.22
N MET B 73 -1.09 -5.49 30.05
CA MET B 73 0.26 -5.41 30.59
C MET B 73 1.10 -4.53 29.67
N ALA B 74 2.32 -4.13 30.11
CA ALA B 74 3.29 -3.34 29.34
C ALA B 74 3.56 -3.92 27.95
N ASP B 75 3.60 -5.26 27.83
CA ASP B 75 3.74 -6.03 26.59
C ASP B 75 2.43 -6.76 26.33
N GLY B 76 2.40 -7.53 25.26
CA GLY B 76 1.22 -8.30 24.94
C GLY B 76 1.15 -8.73 23.51
N LYS B 77 0.18 -9.62 23.26
CA LYS B 77 -0.14 -10.23 21.99
C LYS B 77 -1.63 -10.08 21.76
N PHE B 78 -2.02 -9.87 20.52
CA PHE B 78 -3.41 -9.87 20.14
C PHE B 78 -3.60 -10.95 19.12
N VAL B 79 -4.51 -11.87 19.39
CA VAL B 79 -4.77 -12.99 18.48
C VAL B 79 -6.13 -12.82 17.81
N ILE B 80 -6.18 -13.09 16.50
CA ILE B 80 -7.40 -13.07 15.72
C ILE B 80 -7.55 -14.45 15.03
N ASN B 81 -8.56 -15.21 15.45
CA ASN B 81 -8.82 -16.54 14.90
C ASN B 81 -9.74 -16.47 13.67
N PHE B 82 -9.15 -16.37 12.46
CA PHE B 82 -9.92 -16.26 11.22
C PHE B 82 -10.66 -17.54 10.80
N VAL B 83 -10.29 -18.70 11.44
CA VAL B 83 -10.88 -20.02 11.20
C VAL B 83 -12.41 -19.96 11.17
N SER B 84 -12.99 -19.10 12.01
CA SER B 84 -14.42 -18.87 12.06
C SER B 84 -14.67 -17.39 12.30
N GLY B 85 -15.77 -16.87 11.75
CA GLY B 85 -16.15 -15.47 11.94
C GLY B 85 -16.12 -14.60 10.71
N LEU B 86 -15.43 -15.04 9.65
CA LEU B 86 -15.35 -14.27 8.42
C LEU B 86 -16.71 -14.11 7.71
N SER B 87 -16.80 -13.09 6.85
CA SER B 87 -17.96 -12.73 6.01
C SER B 87 -18.33 -13.88 5.06
N SER B 88 -19.46 -13.71 4.35
CA SER B 88 -19.93 -14.65 3.35
C SER B 88 -19.00 -14.58 2.14
N GLY B 89 -18.50 -15.74 1.71
CA GLY B 89 -17.61 -15.86 0.56
C GLY B 89 -16.14 -15.63 0.86
N TRP B 90 -15.83 -15.44 2.14
CA TRP B 90 -14.47 -15.22 2.62
C TRP B 90 -13.92 -16.50 3.22
N GLN B 91 -12.73 -16.90 2.75
CA GLN B 91 -12.04 -18.09 3.24
C GLN B 91 -10.97 -17.70 4.25
N THR B 92 -10.68 -18.58 5.24
CA THR B 92 -9.62 -18.36 6.24
C THR B 92 -8.26 -18.15 5.54
N GLY B 93 -8.12 -18.76 4.37
CA GLY B 93 -6.94 -18.63 3.55
C GLY B 93 -6.81 -17.25 2.94
N ASP B 94 -7.95 -16.53 2.84
CA ASP B 94 -8.00 -15.16 2.30
C ASP B 94 -7.24 -14.14 3.21
N THR B 95 -6.90 -14.56 4.45
CA THR B 95 -6.19 -13.74 5.43
C THR B 95 -4.72 -14.13 5.57
N GLU B 96 -4.21 -15.02 4.72
CA GLU B 96 -2.81 -15.43 4.83
C GLU B 96 -1.82 -14.37 4.30
N PRO B 97 -0.82 -13.98 5.10
CA PRO B 97 0.18 -13.01 4.62
C PRO B 97 1.07 -13.61 3.54
N SER B 98 1.55 -12.77 2.61
CA SER B 98 2.43 -13.22 1.54
C SER B 98 3.90 -13.54 1.96
N SER B 99 4.30 -13.27 3.23
CA SER B 99 5.66 -13.55 3.72
C SER B 99 5.69 -13.80 5.22
N THR B 100 6.86 -14.22 5.73
CA THR B 100 7.02 -14.54 7.14
C THR B 100 7.93 -13.56 7.88
N ILE B 101 8.37 -12.51 7.19
CA ILE B 101 9.22 -11.45 7.75
C ILE B 101 8.54 -10.80 8.99
N ASP B 102 9.32 -10.62 10.09
CA ASP B 102 8.79 -10.06 11.33
C ASP B 102 9.50 -8.76 11.74
N PRO B 103 8.75 -7.64 11.91
CA PRO B 103 7.31 -7.48 11.64
C PRO B 103 7.01 -7.36 10.14
N LEU B 104 5.74 -7.51 9.73
CA LEU B 104 5.36 -7.23 8.34
C LEU B 104 5.13 -5.72 8.29
N SER B 105 4.28 -5.21 9.21
CA SER B 105 4.04 -3.78 9.33
C SER B 105 3.78 -3.46 10.77
N THR B 106 4.11 -2.20 11.16
CA THR B 106 3.96 -1.70 12.54
C THR B 106 3.36 -0.31 12.61
N THR B 107 2.07 -0.26 13.02
CA THR B 107 1.32 0.97 13.27
C THR B 107 1.26 1.27 14.78
N PHE B 108 0.67 2.40 15.13
CA PHE B 108 0.46 2.86 16.50
C PHE B 108 -1.04 2.96 16.76
N ALA B 109 -1.46 2.71 18.00
CA ALA B 109 -2.85 2.83 18.39
C ALA B 109 -2.97 3.92 19.48
N ALA B 110 -3.91 4.86 19.34
CA ALA B 110 -4.05 5.87 20.40
C ALA B 110 -4.96 5.28 21.44
N VAL B 111 -4.46 5.21 22.65
CA VAL B 111 -5.16 4.62 23.75
C VAL B 111 -5.33 5.61 24.89
N GLN B 112 -6.30 5.38 25.77
CA GLN B 112 -6.51 6.15 27.00
C GLN B 112 -6.56 5.15 28.10
N PHE B 113 -5.55 5.17 29.00
CA PHE B 113 -5.48 4.26 30.13
C PHE B 113 -6.38 4.82 31.19
N LEU B 114 -7.51 4.14 31.43
CA LEU B 114 -8.56 4.52 32.38
C LEU B 114 -8.19 3.95 33.74
N ASN B 115 -7.76 4.81 34.63
CA ASN B 115 -7.28 4.44 35.95
C ASN B 115 -8.34 4.74 37.02
N ASN B 116 -8.30 5.96 37.64
CA ASN B 116 -9.30 6.31 38.64
C ASN B 116 -10.54 6.86 37.93
N GLY B 117 -10.63 8.17 37.81
CA GLY B 117 -11.67 8.83 37.04
C GLY B 117 -11.01 9.33 35.78
N GLN B 118 -9.66 9.29 35.81
CA GLN B 118 -8.72 9.72 34.80
C GLN B 118 -8.73 8.85 33.54
N ARG B 119 -8.50 9.50 32.40
CA ARG B 119 -8.34 8.90 31.08
C ARG B 119 -6.94 9.39 30.61
N ILE B 120 -5.91 8.57 30.83
CA ILE B 120 -4.53 8.92 30.44
C ILE B 120 -4.14 8.53 28.97
N ASP B 121 -4.03 9.54 28.09
CA ASP B 121 -3.65 9.38 26.70
C ASP B 121 -2.28 8.71 26.63
N ALA B 122 -2.17 7.69 25.79
CA ALA B 122 -0.95 6.93 25.58
C ALA B 122 -0.95 6.30 24.17
N PHE B 123 0.11 5.55 23.83
CA PHE B 123 0.24 4.96 22.51
C PHE B 123 0.71 3.57 22.63
N ARG B 124 0.27 2.75 21.69
CA ARG B 124 0.65 1.36 21.67
C ARG B 124 1.13 1.00 20.27
N ILE B 125 2.39 0.58 20.13
CA ILE B 125 2.95 0.12 18.86
C ILE B 125 2.48 -1.33 18.63
N MET B 126 1.77 -1.57 17.53
CA MET B 126 1.31 -2.91 17.19
C MET B 126 2.01 -3.35 15.91
N GLY B 127 2.48 -4.59 15.89
CA GLY B 127 3.13 -5.14 14.71
C GLY B 127 2.52 -6.43 14.20
N VAL B 128 2.47 -6.62 12.87
CA VAL B 128 1.96 -7.87 12.33
C VAL B 128 3.15 -8.85 12.28
N SER B 129 3.02 -9.96 13.03
CA SER B 129 4.12 -10.89 13.19
C SER B 129 3.91 -12.33 12.68
N GLU B 130 2.81 -12.97 13.11
CA GLU B 130 2.55 -14.36 12.74
C GLU B 130 1.15 -14.66 12.26
N TRP B 131 1.02 -15.75 11.50
CA TRP B 131 -0.22 -16.31 10.97
C TRP B 131 -0.03 -17.80 10.96
N THR B 132 -0.77 -18.49 11.83
CA THR B 132 -0.64 -19.93 12.00
C THR B 132 -1.98 -20.63 11.90
N ASP B 133 -2.20 -21.28 10.74
CA ASP B 133 -3.40 -22.06 10.41
C ASP B 133 -4.67 -21.25 10.70
N GLY B 134 -4.67 -20.00 10.23
CA GLY B 134 -5.78 -19.07 10.39
C GLY B 134 -5.72 -18.13 11.58
N GLU B 135 -4.68 -18.25 12.44
CA GLU B 135 -4.55 -17.41 13.62
C GLU B 135 -3.51 -16.32 13.44
N LEU B 136 -3.97 -15.06 13.32
CA LEU B 136 -3.11 -13.88 13.18
C LEU B 136 -2.65 -13.39 14.55
N GLU B 137 -1.40 -12.97 14.66
CA GLU B 137 -0.82 -12.51 15.92
C GLU B 137 -0.19 -11.14 15.75
N ILE B 138 -0.75 -10.21 16.50
CA ILE B 138 -0.33 -8.83 16.50
C ILE B 138 0.30 -8.57 17.83
N LYS B 139 1.63 -8.45 17.78
CA LYS B 139 2.49 -8.19 18.93
C LYS B 139 2.41 -6.70 19.34
N ASN B 140 2.02 -6.44 20.60
CA ASN B 140 1.99 -5.09 21.14
C ASN B 140 3.30 -4.97 21.85
N TYR B 141 4.30 -4.49 21.12
CA TYR B 141 5.66 -4.33 21.61
C TYR B 141 5.74 -3.41 22.85
N GLY B 142 4.85 -2.40 22.95
CA GLY B 142 4.83 -1.46 24.08
C GLY B 142 4.32 -0.07 23.78
N GLY B 143 5.08 0.93 24.25
CA GLY B 143 4.75 2.36 24.13
C GLY B 143 4.50 2.97 25.49
N THR B 144 4.04 4.21 25.57
CA THR B 144 3.78 4.83 26.88
C THR B 144 2.76 4.01 27.68
N TYR B 145 3.00 3.87 29.02
CA TYR B 145 2.19 3.03 29.91
C TYR B 145 2.11 3.57 31.33
N THR B 146 0.99 3.31 31.98
CA THR B 146 0.70 3.63 33.37
C THR B 146 -0.21 2.52 33.91
N GLY B 147 -0.38 2.45 35.23
CA GLY B 147 -1.33 1.49 35.79
C GLY B 147 -2.71 1.99 35.42
N HIS B 148 -3.62 1.06 35.06
CA HIS B 148 -5.01 1.37 34.65
C HIS B 148 -5.91 0.16 34.96
N THR B 149 -7.23 0.39 35.09
CA THR B 149 -8.19 -0.69 35.33
C THR B 149 -8.95 -1.04 34.03
N GLN B 150 -8.80 -0.19 33.00
CA GLN B 150 -9.43 -0.30 31.68
C GLN B 150 -8.63 0.41 30.62
N VAL B 151 -8.90 0.12 29.35
CA VAL B 151 -8.23 0.71 28.21
C VAL B 151 -9.26 1.13 27.16
N TYR B 152 -9.35 2.43 26.85
CA TYR B 152 -10.18 2.88 25.75
C TYR B 152 -9.24 3.03 24.54
N TRP B 153 -9.58 2.35 23.41
CA TRP B 153 -8.81 2.34 22.16
C TRP B 153 -9.53 3.19 21.13
N ALA B 154 -8.83 4.14 20.51
CA ALA B 154 -9.40 4.98 19.46
C ALA B 154 -9.36 4.11 18.23
N PRO B 155 -10.13 4.40 17.14
CA PRO B 155 -10.06 3.55 15.96
C PRO B 155 -8.64 3.43 15.42
N TRP B 156 -8.35 2.33 14.74
CA TRP B 156 -7.04 2.14 14.16
C TRP B 156 -7.05 1.18 12.98
N THR B 157 -5.96 1.22 12.19
CA THR B 157 -5.77 0.42 10.99
C THR B 157 -4.41 -0.28 11.00
N ILE B 158 -4.37 -1.56 10.54
CA ILE B 158 -3.12 -2.29 10.28
C ILE B 158 -3.37 -3.00 8.99
N MET B 159 -2.34 -3.05 8.17
CA MET B 159 -2.39 -3.79 6.92
C MET B 159 -1.10 -4.60 6.79
N TYR B 160 -1.15 -5.64 5.99
CA TYR B 160 0.02 -6.46 5.74
C TYR B 160 -0.09 -7.04 4.34
N PRO B 161 1.04 -7.43 3.70
CA PRO B 161 0.94 -7.98 2.35
C PRO B 161 0.24 -9.33 2.36
N CYS B 162 -0.54 -9.60 1.29
CA CYS B 162 -1.37 -10.79 1.12
C CYS B 162 -1.66 -11.03 -0.36
N ASN B 163 -2.03 -12.28 -0.74
CA ASN B 163 -2.41 -12.59 -2.14
C ASN B 163 -3.71 -13.40 -2.40
N VAL B 164 -4.36 -12.92 -3.49
CA VAL B 164 -5.57 -13.30 -4.23
C VAL B 164 -5.38 -12.72 -5.66
N LEU C 3 1.48 -13.29 -32.42
CA LEU C 3 0.65 -12.92 -31.26
C LEU C 3 1.33 -11.84 -30.41
N PRO C 4 0.71 -11.26 -29.33
CA PRO C 4 1.49 -10.33 -28.50
C PRO C 4 2.38 -11.12 -27.55
N THR C 5 3.17 -10.42 -26.77
CA THR C 5 4.05 -11.03 -25.78
C THR C 5 3.52 -10.56 -24.43
N TYR C 6 4.33 -10.60 -23.37
CA TYR C 6 3.96 -10.12 -22.04
C TYR C 6 5.16 -9.57 -21.29
N ARG C 7 4.92 -8.65 -20.34
CA ARG C 7 5.96 -8.04 -19.51
C ARG C 7 5.59 -8.15 -18.03
N TYR C 8 6.57 -8.47 -17.17
CA TYR C 8 6.39 -8.56 -15.72
C TYR C 8 5.74 -7.26 -15.22
N PRO C 9 4.71 -7.34 -14.37
CA PRO C 9 4.11 -8.51 -13.70
C PRO C 9 3.20 -9.41 -14.52
N LEU C 10 3.08 -9.16 -15.84
CA LEU C 10 2.21 -9.99 -16.66
C LEU C 10 2.94 -11.23 -17.10
N GLU C 11 2.23 -12.36 -17.01
CA GLU C 11 2.76 -13.67 -17.36
C GLU C 11 1.80 -14.41 -18.25
N LEU C 12 2.32 -15.24 -19.16
CA LEU C 12 1.51 -16.12 -19.98
C LEU C 12 1.76 -17.55 -19.51
N ASP C 13 0.69 -18.22 -19.07
CA ASP C 13 0.73 -19.61 -18.65
C ASP C 13 0.47 -20.45 -19.88
N THR C 14 1.47 -21.27 -20.19
CA THR C 14 1.51 -22.15 -21.34
C THR C 14 0.50 -23.26 -21.24
N ALA C 15 0.58 -24.09 -20.20
CA ALA C 15 -0.34 -25.21 -20.01
C ALA C 15 -1.79 -24.80 -19.79
N ASN C 16 -2.11 -23.48 -19.90
CA ASN C 16 -3.49 -23.12 -19.59
C ASN C 16 -4.20 -22.12 -20.49
N ASN C 17 -3.42 -21.34 -21.26
CA ASN C 17 -3.91 -20.22 -22.11
C ASN C 17 -4.44 -19.17 -21.13
N ARG C 18 -3.58 -18.95 -20.12
CA ARG C 18 -3.74 -18.09 -18.96
C ARG C 18 -2.89 -16.86 -19.03
N VAL C 19 -3.52 -15.72 -19.03
CA VAL C 19 -2.72 -14.55 -18.90
C VAL C 19 -3.07 -14.10 -17.50
N GLN C 20 -2.05 -13.87 -16.68
CA GLN C 20 -2.29 -13.45 -15.30
C GLN C 20 -1.27 -12.46 -14.79
N VAL C 21 -1.35 -12.15 -13.49
CA VAL C 21 -0.41 -11.26 -12.84
C VAL C 21 0.44 -12.11 -11.92
N ALA C 22 1.78 -11.96 -12.05
CA ALA C 22 2.78 -12.70 -11.28
C ALA C 22 2.47 -12.67 -9.80
N ASP C 23 2.45 -13.87 -9.19
CA ASP C 23 2.20 -14.01 -7.76
C ASP C 23 3.31 -13.30 -6.97
N ARG C 24 4.51 -13.23 -7.54
CA ARG C 24 5.66 -12.57 -6.92
C ARG C 24 5.57 -11.05 -7.00
N PHE C 25 4.59 -10.51 -7.76
CA PHE C 25 4.46 -9.06 -7.87
C PHE C 25 4.09 -8.44 -6.52
N GLY C 26 3.22 -9.15 -5.80
CA GLY C 26 2.76 -8.79 -4.47
C GLY C 26 3.71 -9.22 -3.36
N MET C 27 4.85 -9.87 -3.71
CA MET C 27 5.86 -10.32 -2.75
C MET C 27 7.23 -10.73 -3.32
N ARG C 28 8.25 -9.90 -3.03
CA ARG C 28 9.63 -10.15 -3.43
C ARG C 28 10.61 -9.79 -2.32
N THR C 29 11.04 -10.81 -1.58
CA THR C 29 11.93 -10.72 -0.42
C THR C 29 13.37 -10.35 -0.77
N GLY C 30 14.04 -9.71 0.18
CA GLY C 30 15.44 -9.29 0.11
C GLY C 30 15.93 -8.86 1.47
N THR C 31 17.25 -8.62 1.62
CA THR C 31 17.87 -8.17 2.87
C THR C 31 19.11 -7.30 2.67
N TRP C 32 19.09 -6.10 3.21
CA TRP C 32 20.25 -5.23 3.20
C TRP C 32 20.95 -5.43 4.53
N THR C 33 22.25 -5.70 4.46
CA THR C 33 23.11 -5.96 5.61
C THR C 33 24.21 -4.91 5.53
N GLY C 34 24.17 -3.94 6.43
CA GLY C 34 25.16 -2.87 6.42
C GLY C 34 25.18 -2.03 7.67
N GLN C 35 25.60 -0.78 7.52
CA GLN C 35 25.70 0.16 8.64
C GLN C 35 24.68 1.27 8.55
N LEU C 36 23.84 1.35 9.57
CA LEU C 36 22.82 2.37 9.70
C LEU C 36 23.53 3.65 10.17
N GLN C 37 23.58 4.66 9.29
CA GLN C 37 24.27 5.92 9.61
C GLN C 37 23.33 6.94 10.25
N TYR C 38 23.65 7.38 11.47
CA TYR C 38 22.85 8.42 12.10
C TYR C 38 23.62 9.68 11.90
N GLN C 39 22.98 10.70 11.33
CA GLN C 39 23.65 11.97 11.05
C GLN C 39 22.96 13.15 11.66
N HIS C 40 23.75 14.01 12.30
CA HIS C 40 23.40 15.29 12.95
C HIS C 40 24.71 16.08 13.04
N PRO C 41 24.70 17.44 12.90
CA PRO C 41 25.95 18.18 12.99
C PRO C 41 26.77 18.09 14.25
N GLN C 42 26.16 17.78 15.37
CA GLN C 42 26.91 17.71 16.60
C GLN C 42 27.09 16.31 17.11
N LEU C 43 26.56 15.33 16.35
CA LEU C 43 26.66 13.93 16.71
C LEU C 43 26.34 13.06 15.51
N SER C 44 27.15 12.03 15.30
CA SER C 44 26.98 11.05 14.22
C SER C 44 27.62 9.75 14.65
N TRP C 45 26.93 8.66 14.34
CA TRP C 45 27.36 7.31 14.68
C TRP C 45 26.85 6.33 13.66
N ARG C 46 27.39 5.11 13.68
CA ARG C 46 26.90 4.06 12.77
C ARG C 46 26.76 2.71 13.41
N ALA C 47 25.62 2.06 13.17
CA ALA C 47 25.27 0.79 13.79
C ALA C 47 25.04 -0.31 12.78
N ASN C 48 25.60 -1.49 13.06
CA ASN C 48 25.49 -2.64 12.17
C ASN C 48 24.09 -3.18 12.26
N VAL C 49 23.35 -3.05 11.18
CA VAL C 49 21.97 -3.53 11.14
C VAL C 49 21.78 -4.45 9.97
N THR C 50 20.79 -5.31 10.06
CA THR C 50 20.45 -6.15 8.94
C THR C 50 18.95 -6.16 8.81
N LEU C 51 18.42 -5.33 7.89
CA LEU C 51 16.99 -5.17 7.66
C LEU C 51 16.46 -6.02 6.51
N ASN C 52 15.17 -6.40 6.58
CA ASN C 52 14.48 -7.18 5.56
C ASN C 52 13.78 -6.23 4.63
N LEU C 53 13.61 -6.67 3.38
CA LEU C 53 12.98 -5.87 2.35
C LEU C 53 11.90 -6.66 1.67
N MET C 54 10.81 -5.98 1.33
CA MET C 54 9.71 -6.62 0.60
C MET C 54 9.17 -5.70 -0.45
N LYS C 55 9.13 -6.22 -1.68
CA LYS C 55 8.56 -5.54 -2.81
C LYS C 55 7.12 -6.05 -2.82
N VAL C 56 6.16 -5.14 -2.61
CA VAL C 56 4.73 -5.43 -2.60
C VAL C 56 4.11 -4.50 -3.64
N ASP C 57 3.76 -5.05 -4.80
CA ASP C 57 3.22 -4.27 -5.91
C ASP C 57 4.18 -3.13 -6.23
N ASP C 58 3.71 -1.87 -6.17
CA ASP C 58 4.60 -0.73 -6.44
C ASP C 58 5.08 -0.01 -5.18
N TRP C 59 5.33 -0.82 -4.12
CA TRP C 59 5.78 -0.41 -2.80
C TRP C 59 7.03 -1.16 -2.38
N LEU C 60 7.91 -0.47 -1.62
CA LEU C 60 9.08 -1.09 -1.03
C LEU C 60 9.02 -0.92 0.48
N VAL C 61 8.85 -2.05 1.20
CA VAL C 61 8.76 -2.17 2.68
C VAL C 61 10.14 -2.47 3.28
N LEU C 62 10.50 -1.74 4.32
CA LEU C 62 11.72 -1.98 5.07
C LEU C 62 11.26 -2.43 6.46
N SER C 63 11.68 -3.64 6.88
CA SER C 63 11.30 -4.16 8.19
C SER C 63 12.48 -4.13 9.15
N PHE C 64 12.46 -3.13 10.04
CA PHE C 64 13.47 -2.95 11.06
C PHE C 64 13.21 -3.87 12.24
N SER C 65 14.28 -4.50 12.71
CA SER C 65 14.20 -5.38 13.87
C SER C 65 14.57 -4.54 15.08
N GLN C 66 14.32 -5.08 16.27
CA GLN C 66 14.64 -4.31 17.47
C GLN C 66 16.13 -4.05 17.55
N MET C 67 16.51 -2.85 18.01
CA MET C 67 17.93 -2.51 18.08
C MET C 67 18.23 -1.57 19.23
N THR C 68 19.48 -1.61 19.70
CA THR C 68 19.97 -0.71 20.75
C THR C 68 21.07 0.14 20.15
N THR C 69 20.91 1.45 20.20
CA THR C 69 21.86 2.35 19.59
C THR C 69 22.42 3.34 20.59
N ASN C 70 23.35 4.16 20.14
CA ASN C 70 23.89 5.21 20.97
C ASN C 70 22.84 6.32 21.12
N SER C 71 23.10 7.29 22.01
CA SER C 71 22.21 8.44 22.19
C SER C 71 22.08 9.19 20.85
N ILE C 72 20.89 9.81 20.64
CA ILE C 72 20.48 10.58 19.47
C ILE C 72 20.05 11.97 19.92
N MET C 73 20.20 12.96 19.02
CA MET C 73 19.82 14.35 19.28
C MET C 73 18.33 14.47 19.06
N ALA C 74 17.74 15.62 19.51
CA ALA C 74 16.32 15.97 19.34
C ALA C 74 15.81 15.77 17.89
N ASP C 75 16.65 16.04 16.88
CA ASP C 75 16.43 15.87 15.44
C ASP C 75 17.42 14.80 14.95
N GLY C 76 17.42 14.53 13.64
CA GLY C 76 18.36 13.58 13.08
C GLY C 76 17.99 13.03 11.73
N LYS C 77 18.95 12.37 11.09
CA LYS C 77 18.84 11.74 9.79
C LYS C 77 19.34 10.30 9.93
N PHE C 78 18.75 9.40 9.18
CA PHE C 78 19.21 8.03 9.13
C PHE C 78 19.54 7.74 7.70
N VAL C 79 20.78 7.32 7.42
CA VAL C 79 21.22 7.03 6.06
C VAL C 79 21.40 5.53 5.87
N ILE C 80 20.90 5.01 4.74
CA ILE C 80 21.04 3.62 4.34
C ILE C 80 21.70 3.58 2.96
N ASN C 81 22.94 3.10 2.90
CA ASN C 81 23.71 3.02 1.66
C ASN C 81 23.45 1.69 0.93
N PHE C 82 22.48 1.68 0.02
CA PHE C 82 22.11 0.47 -0.72
C PHE C 82 23.13 0.02 -1.76
N VAL C 83 24.10 0.91 -2.10
CA VAL C 83 25.19 0.67 -3.06
C VAL C 83 25.85 -0.70 -2.82
N SER C 84 25.98 -1.08 -1.54
CA SER C 84 26.52 -2.36 -1.13
C SER C 84 25.71 -2.89 0.05
N GLY C 85 25.59 -4.21 0.13
CA GLY C 85 24.90 -4.85 1.25
C GLY C 85 23.63 -5.60 0.90
N LEU C 86 23.07 -5.34 -0.29
CA LEU C 86 21.83 -6.00 -0.71
C LEU C 86 21.99 -7.49 -0.94
N SER C 87 20.86 -8.22 -0.89
CA SER C 87 20.71 -9.65 -1.13
C SER C 87 21.17 -10.06 -2.53
N SER C 88 21.18 -11.38 -2.78
CA SER C 88 21.52 -11.98 -4.07
C SER C 88 20.38 -11.68 -5.05
N GLY C 89 20.72 -11.13 -6.21
CA GLY C 89 19.76 -10.78 -7.26
C GLY C 89 19.11 -9.43 -7.11
N TRP C 90 19.52 -8.67 -6.07
CA TRP C 90 19.00 -7.34 -5.77
C TRP C 90 19.95 -6.27 -6.24
N GLN C 91 19.42 -5.31 -7.03
CA GLN C 91 20.19 -4.18 -7.54
C GLN C 91 19.95 -2.93 -6.69
N THR C 92 20.95 -2.03 -6.58
CA THR C 92 20.82 -0.76 -5.85
C THR C 92 19.66 0.08 -6.44
N GLY C 93 19.42 -0.11 -7.72
CA GLY C 93 18.33 0.55 -8.43
C GLY C 93 16.98 0.02 -8.02
N ASP C 94 16.93 -1.22 -7.47
CA ASP C 94 15.70 -1.85 -6.97
C ASP C 94 15.12 -1.10 -5.74
N THR C 95 15.90 -0.18 -5.14
CA THR C 95 15.49 0.61 -3.97
C THR C 95 15.16 2.07 -4.32
N GLU C 96 15.09 2.41 -5.63
CA GLU C 96 14.79 3.79 -6.03
C GLU C 96 13.30 4.12 -5.87
N PRO C 97 12.97 5.23 -5.18
CA PRO C 97 11.55 5.63 -5.06
C PRO C 97 11.00 6.13 -6.38
N SER C 98 9.68 5.93 -6.59
CA SER C 98 9.01 6.39 -7.80
C SER C 98 8.73 7.91 -7.85
N SER C 99 9.01 8.65 -6.75
CA SER C 99 8.83 10.10 -6.71
C SER C 99 9.89 10.86 -5.88
N THR C 100 9.89 12.19 -5.99
CA THR C 100 10.81 13.06 -5.27
C THR C 100 10.11 13.81 -4.12
N ILE C 101 8.77 13.60 -3.98
CA ILE C 101 7.94 14.23 -2.95
C ILE C 101 8.53 14.00 -1.55
N ASP C 102 8.60 15.08 -0.73
CA ASP C 102 9.16 15.00 0.63
C ASP C 102 8.14 15.40 1.69
N PRO C 103 7.74 14.46 2.60
CA PRO C 103 8.15 13.05 2.68
C PRO C 103 7.40 12.15 1.69
N LEU C 104 7.87 10.91 1.46
CA LEU C 104 7.19 9.96 0.58
C LEU C 104 6.24 9.07 1.39
N SER C 105 6.47 9.05 2.71
CA SER C 105 5.75 8.39 3.80
C SER C 105 6.41 8.72 5.16
N THR C 106 5.58 8.76 6.22
CA THR C 106 6.01 8.96 7.60
C THR C 106 5.39 7.90 8.51
N THR C 107 6.18 7.42 9.48
CA THR C 107 5.77 6.48 10.53
C THR C 107 6.33 6.91 11.90
N PHE C 108 5.97 6.20 12.94
CA PHE C 108 6.45 6.44 14.28
C PHE C 108 7.21 5.18 14.73
N ALA C 109 8.23 5.35 15.57
CA ALA C 109 9.00 4.24 16.13
C ALA C 109 8.80 4.28 17.63
N ALA C 110 8.57 3.10 18.23
CA ALA C 110 8.42 3.04 19.67
C ALA C 110 9.83 2.88 20.23
N VAL C 111 10.22 3.88 21.01
CA VAL C 111 11.56 4.03 21.52
C VAL C 111 11.59 3.99 23.04
N GLN C 112 12.76 3.62 23.58
CA GLN C 112 13.05 3.61 25.01
C GLN C 112 14.36 4.32 25.23
N PHE C 113 14.28 5.47 25.91
CA PHE C 113 15.42 6.32 26.22
C PHE C 113 16.02 5.82 27.48
N LEU C 114 17.09 5.02 27.34
CA LEU C 114 17.82 4.44 28.45
C LEU C 114 18.78 5.49 28.97
N ASN C 115 18.47 6.02 30.17
CA ASN C 115 19.26 7.05 30.82
C ASN C 115 20.09 6.43 31.93
N ASN C 116 19.60 6.46 33.19
CA ASN C 116 20.34 5.86 34.29
C ASN C 116 20.05 4.36 34.35
N GLY C 117 19.10 3.99 35.20
CA GLY C 117 18.59 2.63 35.24
C GLY C 117 17.22 2.64 34.58
N GLN C 118 16.72 3.86 34.34
CA GLN C 118 15.46 4.24 33.74
C GLN C 118 15.35 3.90 32.26
N ARG C 119 14.13 3.50 31.84
CA ARG C 119 13.74 3.20 30.47
C ARG C 119 12.55 4.13 30.15
N ILE C 120 12.78 5.16 29.33
CA ILE C 120 11.73 6.11 28.99
C ILE C 120 11.01 5.81 27.68
N ASP C 121 9.71 5.54 27.82
CA ASP C 121 8.89 5.20 26.67
C ASP C 121 8.58 6.49 25.94
N ALA C 122 9.00 6.56 24.67
CA ALA C 122 8.81 7.76 23.85
C ALA C 122 8.67 7.43 22.37
N PHE C 123 8.20 8.39 21.60
CA PHE C 123 8.02 8.13 20.20
C PHE C 123 8.98 8.96 19.38
N ARG C 124 9.22 8.50 18.14
CA ARG C 124 10.15 9.14 17.25
C ARG C 124 9.62 9.10 15.82
N ILE C 125 9.14 10.26 15.29
CA ILE C 125 8.60 10.34 13.91
C ILE C 125 9.66 10.18 12.86
N MET C 126 9.40 9.33 11.86
CA MET C 126 10.32 8.99 10.77
C MET C 126 9.68 9.23 9.43
N GLY C 127 10.36 10.03 8.58
CA GLY C 127 9.91 10.34 7.24
C GLY C 127 10.93 9.96 6.17
N VAL C 128 10.51 9.18 5.14
CA VAL C 128 11.31 8.78 3.98
C VAL C 128 11.42 10.05 3.12
N SER C 129 12.59 10.70 3.11
CA SER C 129 12.84 12.00 2.46
C SER C 129 13.55 12.01 1.09
N GLU C 130 14.77 11.44 1.02
CA GLU C 130 15.61 11.44 -0.19
C GLU C 130 16.19 10.07 -0.54
N TRP C 131 16.67 9.94 -1.79
CA TRP C 131 17.36 8.79 -2.36
C TRP C 131 18.35 9.37 -3.37
N THR C 132 19.63 9.29 -3.03
CA THR C 132 20.68 9.89 -3.84
C THR C 132 21.75 8.87 -4.19
N ASP C 133 21.72 8.40 -5.44
CA ASP C 133 22.67 7.44 -6.02
C ASP C 133 22.84 6.21 -5.10
N GLY C 134 21.71 5.67 -4.64
CA GLY C 134 21.66 4.51 -3.75
C GLY C 134 21.57 4.79 -2.26
N GLU C 135 21.63 6.06 -1.85
CA GLU C 135 21.58 6.43 -0.44
C GLU C 135 20.20 6.98 0.00
N LEU C 136 19.43 6.18 0.75
CA LEU C 136 18.11 6.58 1.27
C LEU C 136 18.32 7.40 2.53
N GLU C 137 17.59 8.51 2.68
CA GLU C 137 17.72 9.45 3.80
C GLU C 137 16.41 9.54 4.61
N ILE C 138 16.32 8.85 5.75
CA ILE C 138 15.14 8.87 6.62
C ILE C 138 15.32 9.91 7.73
N LYS C 139 14.61 11.02 7.61
CA LYS C 139 14.68 12.09 8.60
C LYS C 139 13.86 11.71 9.84
N ASN C 140 14.37 12.08 11.02
CA ASN C 140 13.66 11.90 12.26
C ASN C 140 13.38 13.33 12.68
N TYR C 141 12.17 13.80 12.31
CA TYR C 141 11.69 15.16 12.54
C TYR C 141 11.71 15.50 14.02
N GLY C 142 11.68 14.46 14.84
CA GLY C 142 11.63 14.61 16.28
C GLY C 142 10.75 13.55 16.91
N GLY C 143 9.93 13.98 17.86
CA GLY C 143 9.03 13.14 18.64
C GLY C 143 9.23 13.41 20.13
N THR C 144 9.05 12.41 20.99
CA THR C 144 9.30 12.71 22.39
C THR C 144 10.77 12.56 22.72
N TYR C 145 11.24 13.44 23.64
CA TYR C 145 12.63 13.47 24.00
C TYR C 145 12.92 13.80 25.46
N THR C 146 13.95 13.11 25.98
CA THR C 146 14.59 13.26 27.28
C THR C 146 16.10 12.89 27.16
N GLY C 147 16.90 13.41 28.10
CA GLY C 147 18.31 13.11 28.17
C GLY C 147 18.48 11.62 28.40
N HIS C 148 19.44 11.00 27.69
CA HIS C 148 19.69 9.56 27.73
C HIS C 148 21.13 9.25 27.25
N THR C 149 21.65 8.05 27.59
CA THR C 149 22.98 7.58 27.20
C THR C 149 22.88 6.60 26.06
N GLN C 150 21.72 5.90 25.95
CA GLN C 150 21.43 4.92 24.89
C GLN C 150 19.95 4.96 24.53
N VAL C 151 19.62 4.29 23.41
CA VAL C 151 18.28 4.24 22.84
C VAL C 151 17.96 2.79 22.45
N TYR C 152 16.84 2.23 22.95
CA TYR C 152 16.36 0.92 22.52
C TYR C 152 15.16 1.18 21.61
N TRP C 153 15.21 0.65 20.38
CA TRP C 153 14.17 0.79 19.37
C TRP C 153 13.40 -0.52 19.24
N ALA C 154 12.07 -0.46 19.32
CA ALA C 154 11.24 -1.63 19.13
C ALA C 154 11.16 -1.83 17.65
N PRO C 155 10.77 -3.02 17.13
CA PRO C 155 10.68 -3.19 15.67
C PRO C 155 9.81 -2.15 14.99
N TRP C 156 10.10 -1.85 13.73
CA TRP C 156 9.30 -0.90 12.98
C TRP C 156 9.36 -1.11 11.49
N THR C 157 8.41 -0.52 10.76
CA THR C 157 8.24 -0.63 9.32
C THR C 157 8.08 0.75 8.67
N ILE C 158 8.71 0.95 7.50
CA ILE C 158 8.50 2.13 6.64
C ILE C 158 8.44 1.58 5.27
N MET C 159 7.55 2.15 4.46
CA MET C 159 7.46 1.79 3.06
C MET C 159 7.35 3.06 2.23
N TYR C 160 7.68 2.97 0.96
CA TYR C 160 7.59 4.11 0.06
C TYR C 160 7.32 3.61 -1.34
N PRO C 161 6.74 4.44 -2.23
CA PRO C 161 6.47 3.95 -3.59
C PRO C 161 7.76 3.73 -4.36
N CYS C 162 7.75 2.68 -5.21
CA CYS C 162 8.90 2.22 -5.99
C CYS C 162 8.45 1.43 -7.23
N ASN C 163 9.31 1.32 -8.27
CA ASN C 163 8.98 0.50 -9.45
C ASN C 163 10.03 -0.56 -9.98
N VAL C 164 9.39 -1.68 -10.40
CA VAL C 164 9.83 -2.93 -10.99
C VAL C 164 8.58 -3.50 -11.74
N SER D 3 -4.64 15.82 -28.91
CA SER D 3 -4.87 14.40 -29.17
C SER D 3 -6.36 14.06 -29.13
N VAL D 4 -7.12 14.71 -28.22
CA VAL D 4 -8.55 14.48 -27.99
C VAL D 4 -9.39 15.74 -28.18
N THR D 5 -10.72 15.58 -28.22
CA THR D 5 -11.65 16.69 -28.39
C THR D 5 -12.79 16.68 -27.36
N VAL D 6 -13.01 17.85 -26.74
CA VAL D 6 -14.08 18.09 -25.75
C VAL D 6 -14.70 19.44 -26.11
N HIS D 7 -15.98 19.42 -26.52
CA HIS D 7 -16.70 20.63 -26.93
C HIS D 7 -18.20 20.58 -26.61
N SER D 8 -18.88 21.74 -26.70
CA SER D 8 -20.31 21.87 -26.45
C SER D 8 -21.02 22.34 -27.71
N SER D 9 -22.22 21.80 -27.95
CA SER D 9 -23.12 22.17 -29.06
C SER D 9 -23.57 23.61 -28.85
N GLU D 10 -24.05 23.93 -27.64
CA GLU D 10 -24.51 25.26 -27.24
C GLU D 10 -23.63 25.87 -26.12
N PRO D 11 -22.48 26.51 -26.46
CA PRO D 11 -21.64 27.13 -25.43
C PRO D 11 -22.31 28.20 -24.55
N GLU D 12 -23.48 28.70 -24.95
CA GLU D 12 -24.29 29.65 -24.18
C GLU D 12 -25.73 29.20 -24.26
N VAL D 13 -26.37 29.09 -23.10
CA VAL D 13 -27.74 28.58 -22.98
C VAL D 13 -28.58 29.53 -22.12
N ARG D 14 -29.67 30.06 -22.71
CA ARG D 14 -30.62 30.94 -22.02
C ARG D 14 -31.89 30.15 -21.87
N ILE D 15 -32.34 29.93 -20.65
CA ILE D 15 -33.57 29.18 -20.41
C ILE D 15 -34.50 29.89 -19.42
N PRO D 16 -35.85 29.84 -19.59
CA PRO D 16 -36.73 30.48 -18.60
C PRO D 16 -36.80 29.71 -17.28
N GLU D 17 -37.07 30.43 -16.19
CA GLU D 17 -37.18 29.89 -14.83
C GLU D 17 -38.20 28.74 -14.74
N ASN D 18 -37.82 27.68 -14.00
CA ASN D 18 -38.59 26.46 -13.72
C ASN D 18 -38.79 25.53 -14.91
N ASN D 19 -37.94 25.67 -15.94
CA ASN D 19 -37.98 24.86 -17.16
C ASN D 19 -36.84 23.81 -17.17
N PRO D 20 -36.98 22.70 -17.92
CA PRO D 20 -35.87 21.75 -18.01
C PRO D 20 -34.76 22.30 -18.90
N VAL D 21 -33.55 21.71 -18.79
CA VAL D 21 -32.39 22.07 -19.59
C VAL D 21 -31.38 20.95 -19.64
N LYS D 22 -30.81 20.70 -20.83
CA LYS D 22 -29.72 19.75 -21.02
C LYS D 22 -28.50 20.55 -21.40
N LEU D 23 -27.39 20.37 -20.69
CA LEU D 23 -26.14 21.04 -21.05
C LEU D 23 -25.34 19.96 -21.72
N SER D 24 -25.02 20.17 -23.02
CA SER D 24 -24.33 19.15 -23.81
C SER D 24 -22.82 19.17 -23.80
N CYS D 25 -22.20 18.03 -23.47
CA CYS D 25 -20.77 17.78 -23.42
C CYS D 25 -20.50 16.73 -24.49
N ALA D 26 -19.85 17.14 -25.58
CA ALA D 26 -19.48 16.23 -26.67
C ALA D 26 -17.97 16.00 -26.59
N TYR D 27 -17.56 14.72 -26.67
CA TYR D 27 -16.13 14.38 -26.58
C TYR D 27 -15.74 13.21 -27.45
N SER D 28 -14.46 13.18 -27.88
CA SER D 28 -13.89 12.08 -28.66
C SER D 28 -12.37 11.98 -28.59
N GLY D 29 -11.88 10.76 -28.83
CA GLY D 29 -10.45 10.42 -28.81
C GLY D 29 -10.03 9.62 -27.59
N PHE D 30 -10.96 9.44 -26.64
CA PHE D 30 -10.73 8.74 -25.38
C PHE D 30 -10.97 7.25 -25.49
N SER D 31 -10.04 6.46 -24.93
CA SER D 31 -10.12 5.00 -24.87
C SER D 31 -11.17 4.64 -23.82
N SER D 32 -10.99 5.14 -22.57
CA SER D 32 -11.94 5.00 -21.47
C SER D 32 -11.96 6.31 -20.70
N PRO D 33 -13.00 7.13 -20.94
CA PRO D 33 -13.06 8.45 -20.30
C PRO D 33 -13.81 8.53 -18.99
N ARG D 34 -13.51 9.60 -18.22
CA ARG D 34 -14.06 9.96 -16.91
C ARG D 34 -14.61 11.40 -17.02
N VAL D 35 -15.93 11.59 -16.77
CA VAL D 35 -16.56 12.91 -16.92
C VAL D 35 -16.86 13.60 -15.58
N GLU D 36 -16.60 14.92 -15.50
CA GLU D 36 -16.83 15.76 -14.32
C GLU D 36 -17.48 17.09 -14.68
N TRP D 37 -18.53 17.46 -13.93
CA TRP D 37 -19.27 18.71 -14.12
C TRP D 37 -19.20 19.57 -12.86
N LYS D 38 -18.66 20.79 -12.99
CA LYS D 38 -18.52 21.75 -11.90
C LYS D 38 -19.24 23.07 -12.23
N PHE D 39 -19.94 23.62 -11.25
CA PHE D 39 -20.70 24.86 -11.39
C PHE D 39 -19.99 25.99 -10.70
N ASP D 40 -19.74 27.09 -11.42
CA ASP D 40 -19.07 28.27 -10.87
C ASP D 40 -19.98 29.49 -10.99
N GLN D 41 -20.32 30.09 -9.85
CA GLN D 41 -21.17 31.27 -9.75
C GLN D 41 -20.44 32.29 -8.89
N GLY D 42 -19.67 33.15 -9.55
CA GLY D 42 -18.89 34.20 -8.90
C GLY D 42 -17.71 33.67 -8.11
N ASP D 43 -17.96 33.24 -6.86
CA ASP D 43 -16.91 32.72 -5.99
C ASP D 43 -17.06 31.22 -5.75
N THR D 44 -18.29 30.79 -5.38
CA THR D 44 -18.66 29.42 -5.06
C THR D 44 -18.51 28.43 -6.22
N THR D 45 -17.76 27.35 -6.00
CA THR D 45 -17.59 26.25 -6.96
C THR D 45 -18.37 25.08 -6.40
N ARG D 46 -19.18 24.43 -7.24
CA ARG D 46 -20.05 23.34 -6.83
C ARG D 46 -19.89 22.08 -7.66
N LEU D 47 -19.77 20.94 -6.99
CA LEU D 47 -19.65 19.67 -7.71
C LEU D 47 -21.03 19.15 -8.08
N VAL D 48 -21.20 18.84 -9.37
CA VAL D 48 -22.47 18.39 -9.95
C VAL D 48 -22.37 16.94 -10.42
N CYS D 49 -21.29 16.62 -11.09
CA CYS D 49 -21.13 15.26 -11.55
C CYS D 49 -19.67 14.92 -11.45
N TYR D 50 -19.38 13.71 -10.94
CA TYR D 50 -18.02 13.17 -10.76
C TYR D 50 -18.05 11.68 -11.04
N ASN D 51 -17.01 11.17 -11.75
CA ASN D 51 -16.86 9.74 -12.07
C ASN D 51 -18.16 9.11 -12.63
N ASN D 52 -18.79 9.82 -13.62
CA ASN D 52 -20.04 9.40 -14.30
C ASN D 52 -21.14 9.06 -13.23
N LYS D 53 -21.28 9.95 -12.24
CA LYS D 53 -22.17 9.85 -11.08
C LYS D 53 -22.52 11.26 -10.56
N ILE D 54 -23.81 11.51 -10.25
CA ILE D 54 -24.34 12.80 -9.78
C ILE D 54 -24.21 12.95 -8.26
N THR D 55 -23.79 14.15 -7.79
CA THR D 55 -23.65 14.49 -6.38
C THR D 55 -24.97 14.45 -5.63
N ALA D 56 -24.91 14.28 -4.30
CA ALA D 56 -26.06 14.23 -3.39
C ALA D 56 -26.91 15.49 -3.46
N SER D 57 -26.24 16.63 -3.57
CA SER D 57 -26.84 17.95 -3.63
C SER D 57 -27.55 18.27 -4.95
N TYR D 58 -27.41 17.38 -5.96
CA TYR D 58 -27.97 17.52 -7.31
C TYR D 58 -28.68 16.25 -7.78
N GLU D 59 -28.77 15.19 -6.96
CA GLU D 59 -29.35 13.89 -7.29
C GLU D 59 -30.75 13.98 -7.81
N ASP D 60 -31.61 14.53 -6.96
CA ASP D 60 -33.05 14.70 -7.13
C ASP D 60 -33.47 15.36 -8.46
N ARG D 61 -32.60 16.18 -9.11
CA ARG D 61 -32.98 16.87 -10.34
C ARG D 61 -32.07 16.79 -11.57
N VAL D 62 -30.87 16.26 -11.42
CA VAL D 62 -29.94 16.16 -12.56
C VAL D 62 -29.74 14.70 -12.96
N THR D 63 -29.62 14.45 -14.28
CA THR D 63 -29.39 13.13 -14.86
C THR D 63 -28.23 13.22 -15.81
N PHE D 64 -27.25 12.32 -15.66
CA PHE D 64 -26.04 12.29 -16.48
C PHE D 64 -26.17 11.30 -17.64
N LEU D 65 -25.59 11.69 -18.78
CA LEU D 65 -25.48 10.94 -20.03
C LEU D 65 -24.13 11.37 -20.63
N PRO D 66 -23.44 10.51 -21.40
CA PRO D 66 -22.15 10.93 -22.01
C PRO D 66 -22.29 12.22 -22.83
N THR D 67 -23.48 12.41 -23.47
CA THR D 67 -23.89 13.56 -24.27
C THR D 67 -24.03 14.83 -23.42
N GLY D 68 -24.38 14.68 -22.14
CA GLY D 68 -24.52 15.80 -21.22
C GLY D 68 -25.41 15.60 -20.02
N ILE D 69 -25.60 16.70 -19.25
CA ILE D 69 -26.41 16.70 -18.03
C ILE D 69 -27.78 17.38 -18.18
N THR D 70 -28.82 16.61 -17.94
CA THR D 70 -30.23 16.99 -18.08
C THR D 70 -30.85 17.34 -16.72
N PHE D 71 -31.29 18.61 -16.58
CA PHE D 71 -31.95 19.17 -15.39
C PHE D 71 -33.46 19.08 -15.55
N LYS D 72 -34.19 18.84 -14.46
CA LYS D 72 -35.65 18.75 -14.47
C LYS D 72 -36.25 20.16 -14.44
N SER D 73 -35.66 21.03 -13.62
CA SER D 73 -36.06 22.41 -13.42
C SER D 73 -34.82 23.24 -13.09
N VAL D 74 -34.92 24.55 -13.24
CA VAL D 74 -33.86 25.47 -12.89
C VAL D 74 -34.41 26.75 -12.30
N THR D 75 -33.59 27.48 -11.55
CA THR D 75 -34.01 28.73 -10.93
C THR D 75 -32.92 29.74 -11.01
N ARG D 76 -33.20 30.95 -10.48
CA ARG D 76 -32.25 32.07 -10.47
C ARG D 76 -30.89 31.64 -9.92
N GLU D 77 -30.92 30.70 -8.95
CA GLU D 77 -29.78 30.08 -8.26
C GLU D 77 -28.80 29.42 -9.25
N ASP D 78 -29.36 28.66 -10.23
CA ASP D 78 -28.64 27.85 -11.22
C ASP D 78 -27.88 28.60 -12.29
N THR D 79 -27.98 29.93 -12.28
CA THR D 79 -27.30 30.81 -13.24
C THR D 79 -25.79 30.82 -13.04
N GLY D 80 -25.06 30.67 -14.13
CA GLY D 80 -23.60 30.67 -14.11
C GLY D 80 -22.94 29.70 -15.07
N THR D 81 -21.62 29.53 -14.92
CA THR D 81 -20.82 28.66 -15.78
C THR D 81 -20.79 27.23 -15.27
N TYR D 82 -20.96 26.26 -16.18
CA TYR D 82 -20.94 24.81 -15.96
C TYR D 82 -19.76 24.22 -16.73
N THR D 83 -18.67 23.92 -16.02
CA THR D 83 -17.46 23.38 -16.63
C THR D 83 -17.48 21.85 -16.72
N CYS D 84 -17.35 21.32 -17.94
CA CYS D 84 -17.34 19.88 -18.17
C CYS D 84 -15.93 19.43 -18.51
N MET D 85 -15.37 18.55 -17.66
CA MET D 85 -14.03 18.01 -17.84
C MET D 85 -14.06 16.53 -18.12
N VAL D 86 -13.40 16.14 -19.21
CA VAL D 86 -13.32 14.74 -19.59
C VAL D 86 -11.86 14.34 -19.55
N SER D 87 -11.55 13.28 -18.79
CA SER D 87 -10.18 12.80 -18.63
C SER D 87 -10.05 11.33 -18.91
N GLU D 88 -8.93 10.97 -19.55
CA GLU D 88 -8.57 9.60 -19.89
C GLU D 88 -8.05 8.95 -18.60
N GLU D 89 -8.34 7.65 -18.39
CA GLU D 89 -7.82 6.89 -17.23
C GLU D 89 -6.29 6.91 -17.32
N GLY D 90 -5.64 7.30 -16.25
CA GLY D 90 -4.19 7.40 -16.23
C GLY D 90 -3.73 8.79 -16.57
N GLY D 91 -4.71 9.68 -16.76
CA GLY D 91 -4.55 11.12 -17.00
C GLY D 91 -3.54 11.61 -18.00
N ASN D 92 -3.25 10.81 -19.02
CA ASN D 92 -2.31 11.20 -20.09
C ASN D 92 -2.93 12.24 -21.05
N SER D 93 -4.28 12.25 -21.19
CA SER D 93 -5.05 13.19 -22.02
C SER D 93 -6.28 13.65 -21.27
N TYR D 94 -6.65 14.94 -21.43
CA TYR D 94 -7.82 15.54 -20.77
C TYR D 94 -8.29 16.80 -21.47
N GLY D 95 -9.59 17.05 -21.39
CA GLY D 95 -10.24 18.20 -22.00
C GLY D 95 -11.27 18.89 -21.15
N GLU D 96 -11.51 20.18 -21.48
CA GLU D 96 -12.42 21.08 -20.78
C GLU D 96 -13.37 21.75 -21.78
N VAL D 97 -14.52 22.24 -21.27
CA VAL D 97 -15.56 22.99 -21.99
C VAL D 97 -16.49 23.68 -21.00
N LYS D 98 -16.76 24.96 -21.23
CA LYS D 98 -17.62 25.74 -20.34
C LYS D 98 -18.96 26.08 -21.02
N VAL D 99 -20.09 25.75 -20.36
CA VAL D 99 -21.45 25.99 -20.85
C VAL D 99 -22.11 27.04 -19.96
N LYS D 100 -22.18 28.30 -20.41
CA LYS D 100 -22.81 29.36 -19.61
C LYS D 100 -24.31 29.20 -19.59
N LEU D 101 -24.90 29.16 -18.40
CA LEU D 101 -26.33 29.00 -18.24
C LEU D 101 -26.91 30.27 -17.64
N ILE D 102 -27.93 30.83 -18.33
CA ILE D 102 -28.59 32.08 -17.94
C ILE D 102 -30.08 31.84 -17.72
N VAL D 103 -30.49 31.76 -16.43
CA VAL D 103 -31.88 31.51 -16.06
C VAL D 103 -32.64 32.83 -16.13
N LEU D 104 -33.70 32.88 -16.97
CA LEU D 104 -34.53 34.07 -17.28
C LEU D 104 -35.83 34.11 -16.49
N SER E 3 -24.74 -20.43 -10.24
CA SER E 3 -23.75 -20.28 -11.31
C SER E 3 -22.75 -21.45 -11.33
N VAL E 4 -22.33 -21.92 -10.13
CA VAL E 4 -21.36 -22.99 -9.94
C VAL E 4 -21.93 -24.16 -9.10
N THR E 5 -21.22 -25.28 -9.06
CA THR E 5 -21.64 -26.48 -8.33
C THR E 5 -20.54 -27.04 -7.43
N VAL E 6 -20.88 -27.34 -6.17
CA VAL E 6 -20.00 -27.94 -5.16
C VAL E 6 -20.83 -29.01 -4.45
N HIS E 7 -20.43 -30.29 -4.59
CA HIS E 7 -21.12 -31.43 -3.98
C HIS E 7 -20.18 -32.58 -3.60
N SER E 8 -20.69 -33.53 -2.81
CA SER E 8 -19.94 -34.72 -2.38
C SER E 8 -20.61 -35.98 -2.89
N SER E 9 -19.77 -36.96 -3.28
CA SER E 9 -20.18 -38.29 -3.76
C SER E 9 -20.82 -39.04 -2.58
N GLU E 10 -20.14 -39.04 -1.42
CA GLU E 10 -20.59 -39.68 -0.19
C GLU E 10 -20.82 -38.64 0.94
N PRO E 11 -22.01 -37.98 0.99
CA PRO E 11 -22.28 -37.01 2.07
C PRO E 11 -22.17 -37.54 3.51
N GLU E 12 -22.17 -38.87 3.69
CA GLU E 12 -22.00 -39.55 4.98
C GLU E 12 -21.03 -40.69 4.78
N VAL E 13 -19.98 -40.74 5.61
CA VAL E 13 -18.91 -41.73 5.51
C VAL E 13 -18.65 -42.38 6.87
N ARG E 14 -18.83 -43.72 6.96
CA ARG E 14 -18.53 -44.46 8.18
C ARG E 14 -17.39 -45.44 7.93
N ILE E 15 -16.25 -45.20 8.59
CA ILE E 15 -15.02 -45.98 8.40
C ILE E 15 -14.48 -46.55 9.73
N PRO E 16 -13.86 -47.75 9.74
CA PRO E 16 -13.32 -48.29 11.00
C PRO E 16 -12.04 -47.57 11.43
N GLU E 17 -11.79 -47.60 12.74
CA GLU E 17 -10.62 -46.99 13.38
C GLU E 17 -9.29 -47.49 12.79
N ASN E 18 -8.35 -46.55 12.58
CA ASN E 18 -6.99 -46.75 12.04
C ASN E 18 -6.91 -47.14 10.56
N ASN E 19 -8.00 -46.87 9.81
CA ASN E 19 -8.11 -47.15 8.38
C ASN E 19 -7.96 -45.86 7.54
N PRO E 20 -7.54 -45.95 6.26
CA PRO E 20 -7.50 -44.73 5.43
C PRO E 20 -8.91 -44.32 4.99
N VAL E 21 -9.07 -43.06 4.58
CA VAL E 21 -10.34 -42.49 4.12
C VAL E 21 -10.12 -41.26 3.24
N LYS E 22 -10.88 -41.16 2.15
CA LYS E 22 -10.88 -40.02 1.25
C LYS E 22 -12.25 -39.38 1.36
N LEU E 23 -12.27 -38.08 1.64
CA LEU E 23 -13.53 -37.33 1.69
C LEU E 23 -13.57 -36.59 0.38
N SER E 24 -14.57 -36.90 -0.46
CA SER E 24 -14.65 -36.33 -1.81
C SER E 24 -15.42 -35.03 -1.96
N CYS E 25 -14.74 -34.04 -2.55
CA CYS E 25 -15.25 -32.69 -2.86
C CYS E 25 -15.26 -32.59 -4.39
N ALA E 26 -16.46 -32.59 -4.98
CA ALA E 26 -16.63 -32.45 -6.42
C ALA E 26 -17.17 -31.04 -6.70
N TYR E 27 -16.52 -30.33 -7.64
CA TYR E 27 -16.91 -28.96 -7.98
C TYR E 27 -16.77 -28.64 -9.46
N SER E 28 -17.61 -27.70 -9.96
CA SER E 28 -17.57 -27.23 -11.35
C SER E 28 -18.17 -25.85 -11.56
N GLY E 29 -17.67 -25.16 -12.59
CA GLY E 29 -18.09 -23.82 -12.99
C GLY E 29 -17.07 -22.74 -12.68
N PHE E 30 -15.97 -23.12 -12.00
CA PHE E 30 -14.91 -22.20 -11.58
C PHE E 30 -13.82 -22.02 -12.62
N SER E 31 -13.41 -20.76 -12.84
CA SER E 31 -12.33 -20.39 -13.76
C SER E 31 -11.00 -20.78 -13.08
N SER E 32 -10.75 -20.26 -11.87
CA SER E 32 -9.60 -20.58 -11.03
C SER E 32 -10.09 -20.68 -9.58
N PRO E 33 -10.30 -21.92 -9.09
CA PRO E 33 -10.85 -22.08 -7.73
C PRO E 33 -9.83 -22.23 -6.61
N ARG E 34 -10.29 -21.96 -5.37
CA ARG E 34 -9.55 -22.07 -4.11
C ARG E 34 -10.37 -22.98 -3.21
N VAL E 35 -9.74 -24.04 -2.69
CA VAL E 35 -10.43 -25.03 -1.86
C VAL E 35 -10.02 -24.94 -0.38
N GLU E 36 -11.02 -25.04 0.52
CA GLU E 36 -10.84 -24.99 1.97
C GLU E 36 -11.62 -26.09 2.69
N TRP E 37 -10.95 -26.79 3.62
CA TRP E 37 -11.54 -27.86 4.42
C TRP E 37 -11.47 -27.54 5.92
N LYS E 38 -12.63 -27.48 6.58
CA LYS E 38 -12.75 -27.21 8.01
C LYS E 38 -13.48 -28.34 8.73
N PHE E 39 -12.95 -28.73 9.90
CA PHE E 39 -13.49 -29.81 10.72
C PHE E 39 -14.24 -29.25 11.92
N ASP E 40 -15.50 -29.67 12.09
CA ASP E 40 -16.33 -29.23 13.19
C ASP E 40 -16.77 -30.43 14.04
N GLN E 41 -16.36 -30.42 15.32
CA GLN E 41 -16.68 -31.46 16.29
C GLN E 41 -17.27 -30.79 17.53
N GLY E 42 -18.60 -30.70 17.55
CA GLY E 42 -19.36 -30.08 18.63
C GLY E 42 -19.23 -28.56 18.66
N ASP E 43 -18.16 -28.06 19.28
CA ASP E 43 -17.89 -26.63 19.39
C ASP E 43 -16.67 -26.21 18.60
N THR E 44 -15.55 -26.98 18.77
CA THR E 44 -14.25 -26.73 18.16
C THR E 44 -14.24 -26.82 16.64
N THR E 45 -13.75 -25.76 15.98
CA THR E 45 -13.60 -25.69 14.52
C THR E 45 -12.10 -25.79 14.24
N ARG E 46 -11.72 -26.65 13.29
CA ARG E 46 -10.32 -26.90 12.97
C ARG E 46 -9.99 -26.72 11.50
N LEU E 47 -8.89 -26.02 11.20
CA LEU E 47 -8.47 -25.81 9.82
C LEU E 47 -7.66 -27.01 9.36
N VAL E 48 -8.14 -27.67 8.29
CA VAL E 48 -7.51 -28.85 7.71
C VAL E 48 -6.73 -28.44 6.44
N CYS E 49 -7.46 -27.92 5.43
CA CYS E 49 -6.88 -27.46 4.17
C CYS E 49 -7.29 -26.02 3.88
N TYR E 50 -6.34 -25.21 3.37
CA TYR E 50 -6.53 -23.82 2.98
C TYR E 50 -5.66 -23.52 1.77
N ASN E 51 -6.20 -22.77 0.79
CA ASN E 51 -5.49 -22.37 -0.42
C ASN E 51 -4.73 -23.52 -1.10
N ASN E 52 -5.43 -24.68 -1.28
CA ASN E 52 -4.90 -25.91 -1.90
C ASN E 52 -3.55 -26.33 -1.22
N LYS E 53 -3.55 -26.30 0.13
CA LYS E 53 -2.40 -26.54 1.00
C LYS E 53 -2.91 -27.05 2.36
N ILE E 54 -2.28 -28.11 2.89
CA ILE E 54 -2.66 -28.74 4.17
C ILE E 54 -1.99 -28.05 5.35
N THR E 55 -2.76 -27.84 6.46
CA THR E 55 -2.27 -27.23 7.70
C THR E 55 -1.17 -28.07 8.36
N ALA E 56 -0.33 -27.42 9.19
CA ALA E 56 0.78 -28.06 9.93
C ALA E 56 0.28 -29.18 10.85
N SER E 57 -0.88 -28.95 11.49
CA SER E 57 -1.53 -29.87 12.41
C SER E 57 -2.16 -31.11 11.74
N TYR E 58 -2.18 -31.14 10.39
CA TYR E 58 -2.74 -32.23 9.59
C TYR E 58 -1.79 -32.67 8.46
N GLU E 59 -0.61 -32.02 8.34
CA GLU E 59 0.40 -32.24 7.30
C GLU E 59 0.89 -33.69 7.17
N ASP E 60 1.24 -34.32 8.30
CA ASP E 60 1.76 -35.68 8.43
C ASP E 60 0.81 -36.80 7.94
N ARG E 61 -0.52 -36.58 7.94
CA ARG E 61 -1.47 -37.64 7.54
C ARG E 61 -2.53 -37.34 6.47
N VAL E 62 -2.70 -36.08 6.09
CA VAL E 62 -3.70 -35.72 5.08
C VAL E 62 -3.03 -35.27 3.77
N THR E 63 -3.64 -35.65 2.64
CA THR E 63 -3.17 -35.29 1.31
C THR E 63 -4.32 -34.72 0.51
N PHE E 64 -4.11 -33.55 -0.10
CA PHE E 64 -5.12 -32.85 -0.87
C PHE E 64 -5.03 -33.16 -2.36
N LEU E 65 -6.22 -33.24 -3.00
CA LEU E 65 -6.45 -33.43 -4.42
C LEU E 65 -7.71 -32.63 -4.74
N PRO E 66 -7.89 -32.09 -5.97
CA PRO E 66 -9.14 -31.36 -6.27
C PRO E 66 -10.40 -32.17 -5.98
N THR E 67 -10.30 -33.51 -6.18
CA THR E 67 -11.33 -34.52 -5.94
C THR E 67 -11.66 -34.66 -4.45
N GLY E 68 -10.68 -34.40 -3.59
CA GLY E 68 -10.87 -34.48 -2.14
C GLY E 68 -9.64 -34.70 -1.30
N ILE E 69 -9.86 -34.86 0.02
CA ILE E 69 -8.81 -35.07 1.02
C ILE E 69 -8.68 -36.50 1.51
N THR E 70 -7.50 -37.08 1.30
CA THR E 70 -7.15 -38.46 1.63
C THR E 70 -6.34 -38.55 2.93
N PHE E 71 -6.90 -39.26 3.92
CA PHE E 71 -6.31 -39.51 5.24
C PHE E 71 -5.57 -40.85 5.22
N LYS E 72 -4.44 -40.95 5.94
CA LYS E 72 -3.65 -42.19 6.03
C LYS E 72 -4.29 -43.13 7.06
N SER E 73 -4.71 -42.55 8.19
CA SER E 73 -5.35 -43.24 9.30
C SER E 73 -6.35 -42.28 9.97
N VAL E 74 -7.34 -42.83 10.69
CA VAL E 74 -8.33 -42.06 11.44
C VAL E 74 -8.57 -42.61 12.84
N THR E 75 -8.69 -41.72 13.82
CA THR E 75 -8.92 -42.03 15.22
C THR E 75 -10.34 -41.62 15.62
N ARG E 76 -10.78 -41.98 16.86
CA ARG E 76 -12.07 -41.56 17.45
C ARG E 76 -12.19 -40.03 17.45
N GLU E 77 -11.03 -39.34 17.55
CA GLU E 77 -10.86 -37.89 17.53
C GLU E 77 -11.38 -37.25 16.23
N ASP E 78 -11.05 -37.86 15.06
CA ASP E 78 -11.43 -37.38 13.72
C ASP E 78 -12.93 -37.40 13.37
N THR E 79 -13.79 -37.97 14.25
CA THR E 79 -15.24 -38.05 14.06
C THR E 79 -15.89 -36.67 14.07
N GLY E 80 -16.75 -36.42 13.08
CA GLY E 80 -17.48 -35.16 12.95
C GLY E 80 -17.69 -34.70 11.53
N THR E 81 -18.14 -33.45 11.37
CA THR E 81 -18.43 -32.85 10.06
C THR E 81 -17.18 -32.18 9.47
N TYR E 82 -16.95 -32.41 8.16
CA TYR E 82 -15.84 -31.86 7.36
C TYR E 82 -16.45 -30.99 6.26
N THR E 83 -16.40 -29.66 6.44
CA THR E 83 -16.97 -28.69 5.51
C THR E 83 -15.96 -28.30 4.42
N CYS E 84 -16.33 -28.51 3.15
CA CYS E 84 -15.50 -28.19 2.00
C CYS E 84 -16.05 -26.98 1.28
N MET E 85 -15.27 -25.89 1.24
CA MET E 85 -15.64 -24.66 0.58
C MET E 85 -14.77 -24.38 -0.62
N VAL E 86 -15.41 -24.14 -1.75
CA VAL E 86 -14.69 -23.82 -2.97
C VAL E 86 -15.09 -22.43 -3.39
N SER E 87 -14.09 -21.55 -3.59
CA SER E 87 -14.32 -20.17 -3.97
C SER E 87 -13.51 -19.74 -5.18
N GLU E 88 -14.15 -18.93 -6.01
CA GLU E 88 -13.55 -18.35 -7.20
C GLU E 88 -12.65 -17.20 -6.75
N GLU E 89 -11.48 -17.00 -7.41
CA GLU E 89 -10.60 -15.89 -7.09
C GLU E 89 -11.37 -14.59 -7.37
N GLY E 90 -11.35 -13.69 -6.40
CA GLY E 90 -12.11 -12.44 -6.51
C GLY E 90 -13.49 -12.58 -5.91
N GLY E 91 -13.74 -13.75 -5.31
CA GLY E 91 -14.95 -14.12 -4.56
C GLY E 91 -16.32 -13.80 -5.11
N ASN E 92 -16.46 -13.72 -6.45
CA ASN E 92 -17.74 -13.46 -7.09
C ASN E 92 -18.70 -14.69 -7.03
N SER E 93 -18.14 -15.91 -6.96
CA SER E 93 -18.87 -17.18 -6.86
C SER E 93 -18.19 -18.09 -5.82
N TYR E 94 -18.99 -18.84 -5.05
CA TYR E 94 -18.50 -19.76 -4.02
C TYR E 94 -19.53 -20.81 -3.63
N GLY E 95 -19.04 -21.98 -3.22
CA GLY E 95 -19.86 -23.12 -2.81
C GLY E 95 -19.39 -23.87 -1.59
N GLU E 96 -20.33 -24.56 -0.93
CA GLU E 96 -20.12 -25.33 0.29
C GLU E 96 -20.67 -26.78 0.14
N VAL E 97 -20.17 -27.70 0.98
CA VAL E 97 -20.56 -29.12 1.08
C VAL E 97 -20.03 -29.73 2.39
N LYS E 98 -20.88 -30.45 3.11
CA LYS E 98 -20.51 -31.07 4.38
C LYS E 98 -20.45 -32.60 4.26
N VAL E 99 -19.30 -33.20 4.64
CA VAL E 99 -19.08 -34.65 4.61
C VAL E 99 -18.96 -35.17 6.05
N LYS E 100 -20.04 -35.79 6.58
CA LYS E 100 -20.01 -36.33 7.94
C LYS E 100 -19.14 -37.57 8.01
N LEU E 101 -18.15 -37.58 8.92
CA LEU E 101 -17.26 -38.71 9.11
C LEU E 101 -17.51 -39.35 10.46
N ILE E 102 -17.77 -40.66 10.45
CA ILE E 102 -18.06 -41.45 11.64
C ILE E 102 -17.03 -42.58 11.80
N VAL E 103 -16.06 -42.38 12.71
CA VAL E 103 -15.00 -43.37 12.97
C VAL E 103 -15.57 -44.44 13.90
N LEU E 104 -15.54 -45.71 13.44
CA LEU E 104 -16.10 -46.88 14.13
C LEU E 104 -15.05 -47.69 14.88
N SER F 3 20.69 -20.07 -17.10
CA SER F 3 19.56 -19.75 -17.98
C SER F 3 19.89 -18.58 -18.93
N VAL F 4 20.65 -17.58 -18.41
CA VAL F 4 21.04 -16.36 -19.14
C VAL F 4 22.57 -16.19 -19.18
N THR F 5 23.05 -15.25 -20.02
CA THR F 5 24.47 -14.96 -20.18
C THR F 5 24.80 -13.49 -20.05
N VAL F 6 25.85 -13.17 -19.26
CA VAL F 6 26.38 -11.83 -19.02
C VAL F 6 27.90 -11.96 -19.07
N HIS F 7 28.53 -11.32 -20.07
CA HIS F 7 29.98 -11.35 -20.26
C HIS F 7 30.55 -10.06 -20.87
N SER F 8 31.89 -9.92 -20.83
CA SER F 8 32.61 -8.77 -21.38
C SER F 8 33.55 -9.20 -22.48
N SER F 9 33.63 -8.37 -23.54
CA SER F 9 34.51 -8.56 -24.69
C SER F 9 35.97 -8.40 -24.22
N GLU F 10 36.24 -7.32 -23.46
CA GLU F 10 37.55 -7.02 -22.90
C GLU F 10 37.54 -7.05 -21.35
N PRO F 11 37.69 -8.24 -20.71
CA PRO F 11 37.70 -8.31 -19.24
C PRO F 11 38.76 -7.47 -18.53
N GLU F 12 39.80 -7.01 -19.26
CA GLU F 12 40.86 -6.14 -18.76
C GLU F 12 41.10 -5.06 -19.81
N VAL F 13 41.07 -3.80 -19.36
CA VAL F 13 41.22 -2.63 -20.23
C VAL F 13 42.28 -1.66 -19.67
N ARG F 14 43.36 -1.41 -20.44
CA ARG F 14 44.38 -0.44 -20.06
C ARG F 14 44.39 0.71 -21.05
N ILE F 15 44.03 1.92 -20.56
CA ILE F 15 43.91 3.11 -21.39
C ILE F 15 44.74 4.30 -20.85
N PRO F 16 45.30 5.17 -21.73
CA PRO F 16 46.08 6.32 -21.22
C PRO F 16 45.20 7.40 -20.61
N GLU F 17 45.78 8.18 -19.69
CA GLU F 17 45.14 9.29 -18.99
C GLU F 17 44.55 10.33 -19.95
N ASN F 18 43.32 10.80 -19.64
CA ASN F 18 42.54 11.80 -20.37
C ASN F 18 41.98 11.36 -21.74
N ASN F 19 41.93 10.03 -21.97
CA ASN F 19 41.41 9.42 -23.19
C ASN F 19 40.01 8.85 -23.01
N PRO F 20 39.20 8.69 -24.09
CA PRO F 20 37.89 8.05 -23.91
C PRO F 20 38.04 6.53 -23.76
N VAL F 21 37.00 5.87 -23.21
CA VAL F 21 36.96 4.43 -23.00
C VAL F 21 35.53 3.91 -22.89
N LYS F 22 35.25 2.77 -23.54
CA LYS F 22 33.97 2.08 -23.46
C LYS F 22 34.22 0.77 -22.74
N LEU F 23 33.46 0.49 -21.68
CA LEU F 23 33.55 -0.79 -20.97
C LEU F 23 32.36 -1.57 -21.47
N SER F 24 32.61 -2.71 -22.15
CA SER F 24 31.55 -3.48 -22.77
C SER F 24 30.89 -4.58 -21.93
N CYS F 25 29.56 -4.50 -21.81
CA CYS F 25 28.69 -5.44 -21.09
C CYS F 25 27.81 -6.10 -22.15
N ALA F 26 28.07 -7.39 -22.43
CA ALA F 26 27.29 -8.16 -23.39
C ALA F 26 26.41 -9.13 -22.61
N TYR F 27 25.12 -9.19 -22.96
CA TYR F 27 24.16 -10.05 -22.28
C TYR F 27 23.11 -10.65 -23.19
N SER F 28 22.57 -11.84 -22.82
CA SER F 28 21.49 -12.52 -23.55
C SER F 28 20.69 -13.51 -22.70
N GLY F 29 19.44 -13.72 -23.11
CA GLY F 29 18.48 -14.62 -22.48
C GLY F 29 17.38 -13.89 -21.71
N PHE F 30 17.50 -12.56 -21.59
CA PHE F 30 16.57 -11.70 -20.85
C PHE F 30 15.38 -11.25 -21.67
N SER F 31 14.17 -11.32 -21.09
CA SER F 31 12.92 -10.88 -21.70
C SER F 31 12.91 -9.34 -21.66
N SER F 32 13.06 -8.77 -20.45
CA SER F 32 13.18 -7.34 -20.21
C SER F 32 14.23 -7.12 -19.11
N PRO F 33 15.46 -6.74 -19.50
CA PRO F 33 16.54 -6.61 -18.51
C PRO F 33 16.74 -5.23 -17.92
N ARG F 34 17.42 -5.20 -16.76
CA ARG F 34 17.76 -4.02 -15.96
C ARG F 34 19.29 -4.05 -15.74
N VAL F 35 20.01 -3.00 -16.16
CA VAL F 35 21.47 -2.97 -16.07
C VAL F 35 22.00 -2.03 -14.97
N GLU F 36 23.04 -2.48 -14.23
CA GLU F 36 23.68 -1.75 -13.14
C GLU F 36 25.21 -1.83 -13.20
N TRP F 37 25.88 -0.67 -13.06
CA TRP F 37 27.33 -0.56 -13.09
C TRP F 37 27.86 0.02 -11.78
N LYS F 38 28.72 -0.74 -11.08
CA LYS F 38 29.35 -0.33 -9.81
C LYS F 38 30.88 -0.33 -9.92
N PHE F 39 31.51 0.71 -9.36
CA PHE F 39 32.96 0.87 -9.37
C PHE F 39 33.55 0.55 -8.01
N ASP F 40 34.53 -0.35 -7.97
CA ASP F 40 35.20 -0.74 -6.73
C ASP F 40 36.70 -0.44 -6.81
N GLN F 41 37.17 0.43 -5.91
CA GLN F 41 38.57 0.86 -5.82
C GLN F 41 39.02 0.66 -4.38
N GLY F 42 39.57 -0.52 -4.11
CA GLY F 42 40.07 -0.92 -2.80
C GLY F 42 38.97 -1.21 -1.81
N ASP F 43 38.44 -0.15 -1.17
CA ASP F 43 37.38 -0.24 -0.17
C ASP F 43 36.07 0.37 -0.67
N THR F 44 36.16 1.61 -1.20
CA THR F 44 35.05 2.43 -1.71
C THR F 44 34.31 1.81 -2.90
N THR F 45 32.98 1.67 -2.78
CA THR F 45 32.10 1.18 -3.83
C THR F 45 31.31 2.39 -4.34
N ARG F 46 31.25 2.59 -5.66
CA ARG F 46 30.59 3.74 -6.27
C ARG F 46 29.54 3.37 -7.30
N LEU F 47 28.36 4.02 -7.24
CA LEU F 47 27.29 3.76 -8.20
C LEU F 47 27.51 4.61 -9.44
N VAL F 48 27.53 3.98 -10.64
CA VAL F 48 27.73 4.68 -11.91
C VAL F 48 26.43 4.66 -12.72
N CYS F 49 25.94 3.46 -13.04
CA CYS F 49 24.70 3.25 -13.77
C CYS F 49 23.76 2.38 -12.97
N TYR F 50 22.48 2.80 -12.90
CA TYR F 50 21.39 2.08 -12.23
C TYR F 50 20.11 2.26 -13.06
N ASN F 51 19.33 1.17 -13.22
CA ASN F 51 18.05 1.19 -13.96
C ASN F 51 18.16 1.90 -15.34
N ASN F 52 19.21 1.54 -16.12
CA ASN F 52 19.50 2.07 -17.47
C ASN F 52 19.51 3.63 -17.42
N LYS F 53 20.21 4.18 -16.41
CA LYS F 53 20.30 5.61 -16.09
C LYS F 53 21.62 5.87 -15.33
N ILE F 54 22.34 6.94 -15.72
CA ILE F 54 23.64 7.33 -15.14
C ILE F 54 23.46 8.20 -13.89
N THR F 55 24.26 7.94 -12.83
CA THR F 55 24.26 8.70 -11.58
C THR F 55 24.67 10.15 -11.80
N ALA F 56 24.26 11.05 -10.88
CA ALA F 56 24.58 12.49 -10.91
C ALA F 56 26.09 12.74 -10.85
N SER F 57 26.80 11.93 -10.07
CA SER F 57 28.24 11.99 -9.88
C SER F 57 29.07 11.52 -11.10
N TYR F 58 28.39 10.95 -12.11
CA TYR F 58 29.00 10.43 -13.35
C TYR F 58 28.27 10.91 -14.62
N GLU F 59 27.19 11.71 -14.45
CA GLU F 59 26.32 12.24 -15.52
C GLU F 59 27.05 13.00 -16.63
N ASP F 60 27.93 13.94 -16.25
CA ASP F 60 28.72 14.81 -17.11
C ASP F 60 29.70 14.11 -18.07
N ARG F 61 30.16 12.87 -17.74
CA ARG F 61 31.13 12.17 -18.59
C ARG F 61 30.86 10.73 -19.04
N VAL F 62 29.84 10.08 -18.48
CA VAL F 62 29.52 8.69 -18.86
C VAL F 62 28.21 8.62 -19.63
N THR F 63 28.16 7.73 -20.63
CA THR F 63 26.99 7.48 -21.47
C THR F 63 26.71 5.99 -21.51
N PHE F 64 25.47 5.60 -21.23
CA PHE F 64 25.05 4.21 -21.20
C PHE F 64 24.45 3.75 -22.53
N LEU F 65 24.73 2.49 -22.87
CA LEU F 65 24.22 1.75 -24.02
C LEU F 65 24.09 0.31 -23.55
N PRO F 66 23.15 -0.51 -24.10
CA PRO F 66 23.05 -1.92 -23.67
C PRO F 66 24.38 -2.67 -23.80
N THR F 67 25.17 -2.30 -24.83
CA THR F 67 26.51 -2.81 -25.16
C THR F 67 27.55 -2.44 -24.09
N GLY F 68 27.36 -1.31 -23.41
CA GLY F 68 28.26 -0.86 -22.35
C GLY F 68 28.27 0.63 -22.06
N ILE F 69 29.20 1.02 -21.15
CA ILE F 69 29.35 2.40 -20.70
C ILE F 69 30.57 3.11 -21.29
N THR F 70 30.31 4.21 -22.01
CA THR F 70 31.29 5.04 -22.71
C THR F 70 31.65 6.30 -21.90
N PHE F 71 32.94 6.42 -21.54
CA PHE F 71 33.52 7.55 -20.82
C PHE F 71 34.11 8.55 -21.83
N LYS F 72 34.02 9.86 -21.51
CA LYS F 72 34.57 10.92 -22.37
C LYS F 72 36.07 11.05 -22.12
N SER F 73 36.46 10.99 -20.84
CA SER F 73 37.84 11.09 -20.36
C SER F 73 37.98 10.24 -19.10
N VAL F 74 39.24 9.88 -18.74
CA VAL F 74 39.57 9.12 -17.53
C VAL F 74 40.84 9.63 -16.86
N THR F 75 40.83 9.74 -15.53
CA THR F 75 41.99 10.15 -14.74
C THR F 75 42.45 8.98 -13.86
N ARG F 76 43.54 9.16 -13.10
CA ARG F 76 44.14 8.18 -12.19
C ARG F 76 43.11 7.63 -11.17
N GLU F 77 42.15 8.49 -10.80
CA GLU F 77 41.03 8.22 -9.88
C GLU F 77 40.16 7.06 -10.36
N ASP F 78 39.83 7.02 -11.67
CA ASP F 78 38.97 6.04 -12.32
C ASP F 78 39.47 4.59 -12.37
N THR F 79 40.74 4.35 -11.98
CA THR F 79 41.38 3.03 -11.98
C THR F 79 40.72 2.08 -10.98
N GLY F 80 40.44 0.85 -11.43
CA GLY F 80 39.82 -0.17 -10.61
C GLY F 80 38.84 -1.07 -11.34
N THR F 81 38.08 -1.88 -10.58
CA THR F 81 37.11 -2.82 -11.13
C THR F 81 35.73 -2.17 -11.31
N TYR F 82 35.10 -2.45 -12.47
CA TYR F 82 33.77 -1.98 -12.87
C TYR F 82 32.86 -3.20 -13.04
N THR F 83 32.00 -3.45 -12.04
CA THR F 83 31.09 -4.58 -12.04
C THR F 83 29.76 -4.27 -12.73
N CYS F 84 29.42 -5.06 -13.77
CA CYS F 84 28.17 -4.90 -14.52
C CYS F 84 27.20 -6.01 -14.19
N MET F 85 26.05 -5.64 -13.65
CA MET F 85 25.00 -6.58 -13.28
C MET F 85 23.76 -6.40 -14.11
N VAL F 86 23.28 -7.49 -14.71
CA VAL F 86 22.08 -7.46 -15.53
C VAL F 86 21.06 -8.37 -14.88
N SER F 87 19.86 -7.83 -14.59
CA SER F 87 18.79 -8.57 -13.94
C SER F 87 17.47 -8.51 -14.68
N GLU F 88 16.76 -9.63 -14.69
CA GLU F 88 15.45 -9.78 -15.30
C GLU F 88 14.42 -9.14 -14.36
N GLU F 89 13.37 -8.49 -14.91
CA GLU F 89 12.28 -7.91 -14.10
C GLU F 89 11.61 -9.06 -13.35
N GLY F 90 11.46 -8.90 -12.04
CA GLY F 90 10.90 -9.95 -11.21
C GLY F 90 11.98 -10.83 -10.62
N GLY F 91 13.24 -10.46 -10.88
CA GLY F 91 14.48 -11.07 -10.39
C GLY F 91 14.64 -12.57 -10.38
N ASN F 92 13.95 -13.27 -11.31
CA ASN F 92 14.05 -14.73 -11.42
C ASN F 92 15.41 -15.19 -12.02
N SER F 93 16.06 -14.33 -12.84
CA SER F 93 17.36 -14.55 -13.48
C SER F 93 18.21 -13.29 -13.40
N TYR F 94 19.52 -13.44 -13.19
CA TYR F 94 20.48 -12.33 -13.09
C TYR F 94 21.91 -12.77 -13.34
N GLY F 95 22.72 -11.84 -13.87
CA GLY F 95 24.13 -12.08 -14.18
C GLY F 95 25.07 -10.95 -13.81
N GLU F 96 26.35 -11.30 -13.64
CA GLU F 96 27.45 -10.41 -13.27
C GLU F 96 28.63 -10.53 -14.24
N VAL F 97 29.51 -9.49 -14.28
CA VAL F 97 30.75 -9.41 -15.07
C VAL F 97 31.62 -8.24 -14.57
N LYS F 98 32.92 -8.50 -14.39
CA LYS F 98 33.84 -7.47 -13.90
C LYS F 98 34.84 -7.04 -14.99
N VAL F 99 34.93 -5.72 -15.24
CA VAL F 99 35.83 -5.14 -16.26
C VAL F 99 36.90 -4.29 -15.54
N LYS F 100 38.12 -4.83 -15.40
CA LYS F 100 39.21 -4.10 -14.73
C LYS F 100 39.70 -2.97 -15.63
N LEU F 101 39.72 -1.74 -15.09
CA LEU F 101 40.19 -0.57 -15.81
C LEU F 101 41.47 -0.05 -15.18
N ILE F 102 42.52 0.09 -16.01
CA ILE F 102 43.85 0.56 -15.61
C ILE F 102 44.23 1.83 -16.36
N VAL F 103 44.11 3.00 -15.69
CA VAL F 103 44.45 4.30 -16.28
C VAL F 103 45.96 4.50 -16.20
N LEU F 104 46.60 4.68 -17.39
CA LEU F 104 48.04 4.81 -17.54
C LEU F 104 48.51 6.27 -17.67
#